data_6X07
#
_entry.id   6X07
#
_cell.length_a   48.126
_cell.length_b   79.653
_cell.length_c   283.515
_cell.angle_alpha   90.000
_cell.angle_beta   90.000
_cell.angle_gamma   90.000
#
_symmetry.space_group_name_H-M   'P 21 21 21'
#
loop_
_entity.id
_entity.type
_entity.pdbx_description
1 polymer 'Nucleoporin NIC96'
2 polymer VHH-SAN12
3 water water
#
loop_
_entity_poly.entity_id
_entity_poly.type
_entity_poly.pdbx_seq_one_letter_code
_entity_poly.pdbx_strand_id
1 'polypeptide(L)'
;GPGSEFELGAPAGRQGNKGNNILNSNESRLNVNENNILREKFENYARIVFQFNNSRQANGNFDIANEFISILSSANGTRN
AQLLESWKILESMKSKDINIVEVGKQYLEQQFLQYTDNLYKKNMNEGLATNVNKIKSFIDTKLKKADKSWKISNLTVING
VPIWALIFYLLRAGLIKEALQVLVENKANIKKVEQSFLTYFKAYASSKDHGLPVEYSTKLHTEYNQHIKSSLDGDPYRLA
VYKLIGRCDLSRKNIPAVTLSIEDWLWMHLMLIKEKDAENDPVYERYSLEDFQNIIISYGPSRFSNYYLQTLLLSGLYGL
AIDYTYTFSEMDAVHLAIGLASLKLFKIDSSTRLTKKPKRDIRFANILANYTKSFRYSDPRVAVEYLVLITLNEGPTDVE
LCHEALRELVLETKEFTVLLGKIGRDGARIPGVIEERQPLLHVRDEKEFLHTITEQAARRADEDGRIYDSILLYQLAEEY
DIVITLVNSLLSDTLSASDLDQPLVGPDDNSETNPVLLARRMASIYFDNAGISRQIHVKNKEICMLLLNISSIRELYFNK
QWQETLSQMELLDLLPFSDELSARKKAQDFSNLDDNIVKNIPNLLIITLSCISNMIHILNESKYQSSTKGQQIDSLKNVA
RQCMIYAGMIQYRMPRETYSTLINIDVSL
;
A
2 'polypeptide(L)'
;MQVQLVETGGGLVQAGGSLRLSCATSGFNFRLRTMGWYRQAPGKERELVASITSGGSTDYADSVKGRFTISRDNAKNTIS
LEMNSLKPDDTAVYYCNIWAPTTAAITNWGQGTQVTVSSLPETGGLEHHHHHH
;
B
#
# COMPACT_ATOMS: atom_id res chain seq x y z
N ARG A 29 14.90 15.54 -5.71
CA ARG A 29 16.31 15.78 -5.42
C ARG A 29 16.53 15.96 -3.91
N LEU A 30 15.46 15.79 -3.14
CA LEU A 30 15.51 15.89 -1.69
C LEU A 30 15.88 14.56 -1.07
N ASN A 31 16.79 14.58 -0.09
CA ASN A 31 17.22 13.39 0.64
C ASN A 31 17.04 13.66 2.13
N VAL A 32 15.98 13.09 2.70
CA VAL A 32 15.61 13.37 4.09
C VAL A 32 16.69 12.94 5.09
N ASN A 33 17.51 11.95 4.76
CA ASN A 33 18.44 11.39 5.73
C ASN A 33 19.80 12.08 5.75
N GLU A 34 19.96 13.22 5.05
CA GLU A 34 21.30 13.78 4.86
C GLU A 34 21.77 14.70 5.98
N ASN A 35 20.93 15.00 6.96
CA ASN A 35 21.44 15.66 8.17
C ASN A 35 20.38 15.63 9.25
N ASN A 36 20.86 15.79 10.50
CA ASN A 36 19.98 15.85 11.67
C ASN A 36 18.82 16.81 11.46
N ILE A 37 19.13 18.04 11.02
CA ILE A 37 18.09 19.05 10.80
C ILE A 37 17.09 18.55 9.78
N LEU A 38 17.56 18.16 8.61
CA LEU A 38 16.67 17.68 7.55
C LEU A 38 16.04 16.33 7.87
N ARG A 39 16.52 15.59 8.88
CA ARG A 39 15.86 14.36 9.32
C ARG A 39 14.88 14.59 10.47
N GLU A 40 15.07 15.64 11.28
CA GLU A 40 14.21 15.88 12.44
C GLU A 40 12.85 16.45 12.05
N LYS A 41 12.79 17.34 11.05
CA LYS A 41 11.49 17.85 10.62
C LYS A 41 10.71 16.77 9.86
N PHE A 42 11.40 15.91 9.12
CA PHE A 42 10.72 14.85 8.40
C PHE A 42 9.89 13.98 9.32
N GLU A 43 10.47 13.51 10.42
CA GLU A 43 9.69 12.70 11.35
C GLU A 43 8.66 13.57 12.07
N ASN A 44 9.02 14.82 12.38
CA ASN A 44 8.02 15.72 12.94
C ASN A 44 6.87 15.94 11.97
N TYR A 45 7.16 16.09 10.68
CA TYR A 45 6.09 16.22 9.68
C TYR A 45 5.36 14.90 9.48
N ALA A 46 6.12 13.81 9.34
CA ALA A 46 5.53 12.49 9.20
C ALA A 46 4.64 12.15 10.39
N ARG A 47 4.98 12.62 11.58
CA ARG A 47 4.14 12.33 12.73
C ARG A 47 2.80 13.08 12.67
N ILE A 48 2.79 14.30 12.11
CA ILE A 48 1.52 14.96 11.88
C ILE A 48 0.72 14.21 10.84
N VAL A 49 1.34 13.96 9.68
CA VAL A 49 0.71 13.15 8.64
C VAL A 49 0.18 11.84 9.23
N PHE A 50 0.88 11.28 10.23
CA PHE A 50 0.47 10.02 10.83
C PHE A 50 -0.82 10.18 11.65
N GLN A 51 -0.94 11.21 12.48
CA GLN A 51 -2.18 11.30 13.24
C GLN A 51 -3.31 11.89 12.40
N PHE A 52 -2.97 12.57 11.31
CA PHE A 52 -4.00 12.92 10.32
C PHE A 52 -4.67 11.67 9.78
N ASN A 53 -3.87 10.70 9.34
CA ASN A 53 -4.44 9.43 8.88
C ASN A 53 -5.23 8.77 10.01
N ASN A 54 -4.72 8.86 11.23
CA ASN A 54 -5.43 8.28 12.37
C ASN A 54 -6.82 8.86 12.53
N SER A 55 -6.94 10.19 12.46
CA SER A 55 -8.28 10.77 12.56
C SER A 55 -9.08 10.54 11.29
N ARG A 56 -8.42 10.61 10.11
CA ARG A 56 -9.03 10.17 8.87
C ARG A 56 -9.77 8.85 9.04
N GLN A 57 -9.05 7.83 9.54
CA GLN A 57 -9.66 6.52 9.76
C GLN A 57 -10.68 6.57 10.89
N ALA A 58 -10.30 7.16 12.04
CA ALA A 58 -11.18 7.27 13.20
C ALA A 58 -12.29 8.29 13.01
N ASN A 59 -12.43 8.89 11.81
CA ASN A 59 -13.51 9.82 11.50
C ASN A 59 -13.48 11.03 12.43
N GLY A 60 -12.29 11.48 12.79
CA GLY A 60 -12.10 12.43 13.87
C GLY A 60 -12.05 13.88 13.44
N ASN A 61 -11.45 14.70 14.32
CA ASN A 61 -11.55 16.15 14.27
C ASN A 61 -10.21 16.83 14.04
N PHE A 62 -9.16 16.04 13.88
CA PHE A 62 -7.79 16.54 13.78
C PHE A 62 -7.70 17.61 12.70
N ASP A 63 -6.94 18.66 12.98
CA ASP A 63 -6.75 19.73 12.01
C ASP A 63 -5.26 19.94 11.77
N ILE A 64 -4.84 19.58 10.56
CA ILE A 64 -3.43 19.59 10.20
C ILE A 64 -2.87 21.00 10.21
N ALA A 65 -3.68 21.98 9.77
CA ALA A 65 -3.17 23.35 9.69
C ALA A 65 -2.67 23.80 11.04
N ASN A 66 -3.47 23.60 12.09
CA ASN A 66 -3.06 24.13 13.38
C ASN A 66 -1.91 23.33 13.97
N GLU A 67 -1.70 22.10 13.53
CA GLU A 67 -0.50 21.38 13.92
C GLU A 67 0.73 21.98 13.27
N PHE A 68 0.65 22.30 11.97
CA PHE A 68 1.76 22.99 11.32
C PHE A 68 1.87 24.41 11.83
N ILE A 69 0.75 25.02 12.22
CA ILE A 69 0.80 26.33 12.85
C ILE A 69 1.63 26.27 14.13
N SER A 70 1.43 25.22 14.93
CA SER A 70 2.18 25.07 16.18
C SER A 70 3.67 24.88 15.93
N ILE A 71 4.03 24.02 14.99
CA ILE A 71 5.44 23.74 14.75
C ILE A 71 6.12 24.89 14.02
N LEU A 72 5.42 25.55 13.09
CA LEU A 72 6.08 26.58 12.28
C LEU A 72 6.26 27.90 13.02
N SER A 73 5.47 28.14 14.07
CA SER A 73 5.57 29.41 14.78
C SER A 73 6.88 29.51 15.56
N SER A 74 7.35 28.40 16.12
CA SER A 74 8.58 28.41 16.91
C SER A 74 9.80 28.69 16.03
N ALA A 75 9.89 28.03 14.87
CA ALA A 75 10.97 28.28 13.94
C ALA A 75 10.87 29.70 13.40
N ASN A 76 11.89 30.12 12.65
CA ASN A 76 11.77 31.35 11.89
C ASN A 76 12.82 31.49 10.79
N GLY A 77 13.06 32.72 10.37
CA GLY A 77 13.47 33.05 9.02
C GLY A 77 12.29 33.50 8.18
N THR A 78 12.59 34.10 7.03
CA THR A 78 11.51 34.72 6.25
C THR A 78 10.60 33.67 5.63
N ARG A 79 11.17 32.63 5.01
CA ARG A 79 10.33 31.60 4.39
C ARG A 79 9.45 30.90 5.41
N ASN A 80 9.95 30.70 6.64
CA ASN A 80 9.12 30.06 7.64
C ASN A 80 7.92 30.93 8.02
N ALA A 81 8.15 32.23 8.26
CA ALA A 81 7.03 33.14 8.48
C ALA A 81 6.08 33.11 7.29
N GLN A 82 6.63 33.21 6.08
CA GLN A 82 5.86 33.00 4.86
C GLN A 82 5.02 31.72 4.94
N LEU A 83 5.68 30.59 5.20
CA LEU A 83 4.97 29.32 5.30
C LEU A 83 3.99 29.34 6.48
N LEU A 84 4.39 29.93 7.60
CA LEU A 84 3.53 29.99 8.77
C LEU A 84 2.23 30.74 8.47
N GLU A 85 2.32 31.89 7.80
CA GLU A 85 1.09 32.62 7.48
C GLU A 85 0.26 31.87 6.47
N SER A 86 0.89 31.15 5.54
CA SER A 86 0.14 30.36 4.56
C SER A 86 -0.72 29.29 5.22
N TRP A 87 -0.23 28.66 6.29
CA TRP A 87 -1.04 27.69 7.02
C TRP A 87 -2.16 28.39 7.79
N LYS A 88 -1.88 29.58 8.33
CA LYS A 88 -2.95 30.35 8.96
C LYS A 88 -4.00 30.75 7.93
N ILE A 89 -3.59 30.93 6.67
CA ILE A 89 -4.58 31.12 5.61
C ILE A 89 -5.40 29.84 5.44
N LEU A 90 -4.73 28.69 5.32
CA LEU A 90 -5.49 27.43 5.19
C LEU A 90 -6.38 27.20 6.42
N GLU A 91 -5.89 27.53 7.62
CA GLU A 91 -6.68 27.31 8.83
C GLU A 91 -7.97 28.14 8.82
N SER A 92 -7.91 29.37 8.35
CA SER A 92 -9.11 30.20 8.34
C SER A 92 -10.17 29.65 7.44
N MET A 93 -9.75 28.94 6.42
CA MET A 93 -10.66 28.35 5.48
C MET A 93 -11.51 27.23 6.06
N LYS A 94 -10.98 26.54 7.06
CA LYS A 94 -11.67 25.42 7.68
C LYS A 94 -13.10 25.69 8.10
N SER A 95 -13.94 24.72 7.78
CA SER A 95 -15.36 24.69 8.09
C SER A 95 -16.15 25.78 7.46
N LYS A 96 -15.73 26.18 6.28
CA LYS A 96 -16.41 27.21 5.55
C LYS A 96 -16.72 26.62 4.22
N ASP A 97 -17.91 26.84 3.69
CA ASP A 97 -18.17 26.33 2.35
C ASP A 97 -17.26 27.23 1.55
N ILE A 98 -16.38 26.69 0.73
CA ILE A 98 -15.39 27.54 0.09
C ILE A 98 -15.59 28.37 -1.15
N ASN A 99 -15.78 29.67 -0.96
CA ASN A 99 -15.86 30.60 -2.05
C ASN A 99 -14.53 31.27 -1.99
N ILE A 100 -13.74 31.15 -3.03
CA ILE A 100 -12.45 31.72 -3.03
C ILE A 100 -12.39 33.20 -2.71
N VAL A 101 -13.21 33.99 -3.37
CA VAL A 101 -13.19 35.42 -3.11
C VAL A 101 -13.59 35.72 -1.67
N GLU A 102 -14.61 35.03 -1.15
CA GLU A 102 -15.08 35.35 0.19
C GLU A 102 -14.05 35.03 1.25
N VAL A 103 -13.51 33.80 1.24
CA VAL A 103 -12.54 33.44 2.28
C VAL A 103 -11.30 34.34 2.18
N GLY A 104 -10.92 34.74 0.96
CA GLY A 104 -9.78 35.61 0.82
C GLY A 104 -10.00 36.96 1.49
N LYS A 105 -11.19 37.53 1.28
CA LYS A 105 -11.52 38.80 1.93
C LYS A 105 -11.62 38.63 3.44
N GLN A 106 -12.26 37.54 3.89
CA GLN A 106 -12.37 37.33 5.33
C GLN A 106 -10.99 37.21 5.96
N TYR A 107 -10.04 36.62 5.25
CA TYR A 107 -8.72 36.47 5.85
C TYR A 107 -8.07 37.82 6.04
N LEU A 108 -8.05 38.62 4.99
CA LEU A 108 -7.39 39.93 5.04
C LEU A 108 -8.08 40.87 6.02
N GLU A 109 -9.40 40.78 6.16
CA GLU A 109 -10.10 41.63 7.12
C GLU A 109 -9.76 41.22 8.55
N GLN A 110 -9.93 39.94 8.88
CA GLN A 110 -9.64 39.48 10.25
C GLN A 110 -8.18 39.73 10.61
N GLN A 111 -7.27 39.69 9.64
CA GLN A 111 -5.89 39.97 9.96
C GLN A 111 -5.72 41.44 10.33
N PHE A 112 -6.33 42.34 9.56
CA PHE A 112 -6.23 43.75 9.86
C PHE A 112 -6.86 44.06 11.21
N LEU A 113 -8.05 43.51 11.46
CA LEU A 113 -8.72 43.72 12.74
C LEU A 113 -7.83 43.31 13.90
N GLN A 114 -7.22 42.12 13.82
CA GLN A 114 -6.31 41.67 14.87
C GLN A 114 -5.05 42.52 14.91
N TYR A 115 -4.61 43.03 13.76
CA TYR A 115 -3.52 44.00 13.75
C TYR A 115 -3.87 45.23 14.57
N THR A 116 -5.06 45.79 14.35
CA THR A 116 -5.47 46.93 15.16
C THR A 116 -5.73 46.54 16.60
N ASP A 117 -5.98 45.26 16.88
CA ASP A 117 -6.05 44.84 18.27
C ASP A 117 -4.66 44.73 18.88
N ASN A 118 -3.70 44.18 18.12
CA ASN A 118 -2.33 44.10 18.62
C ASN A 118 -1.80 45.49 18.93
N LEU A 119 -2.15 46.47 18.09
CA LEU A 119 -1.62 47.82 18.23
C LEU A 119 -2.15 48.51 19.47
N TYR A 120 -3.44 48.37 19.76
CA TYR A 120 -4.04 49.02 20.93
C TYR A 120 -3.27 48.69 22.21
N THR A 130 -14.14 49.29 22.26
CA THR A 130 -14.80 48.96 21.00
C THR A 130 -13.77 48.72 19.91
N ASN A 131 -14.16 47.89 18.93
CA ASN A 131 -13.45 47.85 17.67
C ASN A 131 -13.32 49.24 17.09
N VAL A 132 -14.42 49.98 17.08
CA VAL A 132 -14.43 51.32 16.50
C VAL A 132 -13.40 52.20 17.20
N ASN A 133 -13.28 52.08 18.52
CA ASN A 133 -12.28 52.89 19.21
C ASN A 133 -10.87 52.37 18.99
N LYS A 134 -10.70 51.08 18.76
CA LYS A 134 -9.38 50.56 18.45
C LYS A 134 -8.93 50.94 17.05
N ILE A 135 -9.88 51.04 16.11
CA ILE A 135 -9.56 51.52 14.77
C ILE A 135 -9.34 53.02 14.80
N LYS A 136 -10.15 53.76 15.57
CA LYS A 136 -9.91 55.18 15.77
C LYS A 136 -8.49 55.44 16.27
N SER A 137 -8.01 54.61 17.18
CA SER A 137 -6.67 54.81 17.73
C SER A 137 -5.61 54.44 16.70
N PHE A 138 -5.84 53.38 15.92
CA PHE A 138 -4.95 53.08 14.79
C PHE A 138 -4.87 54.25 13.83
N ILE A 139 -6.02 54.89 13.54
CA ILE A 139 -6.04 56.04 12.64
C ILE A 139 -5.23 57.20 13.22
N ASP A 140 -5.56 57.59 14.46
CA ASP A 140 -4.88 58.72 15.08
C ASP A 140 -3.38 58.49 15.17
N THR A 141 -2.96 57.23 15.30
CA THR A 141 -1.54 56.91 15.42
C THR A 141 -0.82 57.03 14.09
N LYS A 142 -1.24 56.24 13.10
CA LYS A 142 -0.44 56.04 11.91
C LYS A 142 -0.85 56.91 10.73
N LEU A 143 -1.95 57.64 10.81
CA LEU A 143 -2.29 58.60 9.76
C LEU A 143 -1.79 59.99 10.09
N LYS A 144 -1.18 60.18 11.25
CA LYS A 144 -0.72 61.48 11.72
C LYS A 144 0.79 61.50 11.76
N LYS A 145 1.36 62.63 11.34
CA LYS A 145 2.77 62.94 11.49
C LYS A 145 3.05 63.50 12.89
N ALA A 146 4.33 63.66 13.20
CA ALA A 146 4.71 64.17 14.52
C ALA A 146 4.17 65.58 14.78
N ASP A 147 3.90 66.36 13.73
CA ASP A 147 3.30 67.68 13.91
C ASP A 147 1.94 67.60 14.61
N LYS A 148 1.27 66.45 14.56
CA LYS A 148 -0.17 66.22 14.70
C LYS A 148 -0.83 66.52 13.35
N SER A 149 -0.04 66.86 12.33
CA SER A 149 -0.49 66.97 10.96
C SER A 149 -0.88 65.60 10.41
N TRP A 150 -1.79 65.58 9.43
CA TRP A 150 -2.22 64.35 8.78
C TRP A 150 -1.27 64.00 7.64
N LYS A 151 -1.01 62.70 7.46
CA LYS A 151 -0.15 62.29 6.36
C LYS A 151 -0.88 62.30 5.03
N ILE A 152 -2.20 62.15 5.06
CA ILE A 152 -3.04 62.29 3.88
C ILE A 152 -3.73 63.65 3.95
N SER A 153 -3.63 64.42 2.89
CA SER A 153 -4.29 65.72 2.87
C SER A 153 -5.75 65.57 2.45
N ASN A 154 -6.51 66.64 2.64
CA ASN A 154 -7.91 66.73 2.22
C ASN A 154 -8.83 65.79 2.98
N LEU A 155 -8.39 65.31 4.14
CA LEU A 155 -9.27 64.51 4.97
C LEU A 155 -10.41 65.36 5.50
N THR A 156 -11.63 64.90 5.29
CA THR A 156 -12.79 65.42 6.02
C THR A 156 -12.66 65.02 7.49
N VAL A 157 -12.48 66.02 8.36
CA VAL A 157 -12.22 65.79 9.77
C VAL A 157 -13.35 66.41 10.58
N ILE A 158 -14.00 65.59 11.41
CA ILE A 158 -15.11 66.00 12.27
C ILE A 158 -14.73 65.62 13.69
N ASN A 159 -14.58 66.62 14.56
CA ASN A 159 -14.14 66.42 15.95
C ASN A 159 -12.78 65.74 16.02
N GLY A 160 -11.89 66.10 15.10
CA GLY A 160 -10.59 65.44 15.05
C GLY A 160 -10.59 64.03 14.51
N VAL A 161 -11.74 63.55 14.02
CA VAL A 161 -11.88 62.19 13.50
C VAL A 161 -12.02 62.27 11.98
N PRO A 162 -11.08 61.70 11.20
CA PRO A 162 -11.32 61.60 9.75
C PRO A 162 -12.38 60.56 9.45
N ILE A 163 -13.61 61.01 9.24
CA ILE A 163 -14.74 60.08 9.27
C ILE A 163 -14.69 59.13 8.07
N TRP A 164 -14.20 59.58 6.92
CA TRP A 164 -14.16 58.68 5.79
C TRP A 164 -13.04 57.65 5.95
N ALA A 165 -11.94 58.02 6.62
CA ALA A 165 -10.93 57.02 6.95
C ALA A 165 -11.47 56.00 7.94
N LEU A 166 -12.27 56.47 8.90
CA LEU A 166 -12.90 55.58 9.86
C LEU A 166 -13.85 54.61 9.17
N ILE A 167 -14.76 55.14 8.35
CA ILE A 167 -15.66 54.28 7.56
C ILE A 167 -14.84 53.26 6.78
N PHE A 168 -13.77 53.72 6.13
CA PHE A 168 -12.98 52.83 5.28
C PHE A 168 -12.30 51.73 6.08
N TYR A 169 -11.62 52.09 7.18
CA TYR A 169 -10.88 51.07 7.91
C TYR A 169 -11.82 50.11 8.65
N LEU A 170 -12.98 50.58 9.07
CA LEU A 170 -14.03 49.66 9.54
C LEU A 170 -14.37 48.63 8.46
N LEU A 171 -14.59 49.10 7.23
CA LEU A 171 -14.79 48.19 6.11
C LEU A 171 -13.59 47.29 5.91
N ARG A 172 -12.39 47.87 5.96
CA ARG A 172 -11.17 47.09 5.85
C ARG A 172 -11.08 46.00 6.93
N ALA A 173 -11.77 46.18 8.05
CA ALA A 173 -11.80 45.18 9.11
C ALA A 173 -13.03 44.27 9.04
N GLY A 174 -13.83 44.36 7.98
CA GLY A 174 -15.01 43.53 7.93
C GLY A 174 -16.15 43.99 8.81
N LEU A 175 -16.06 45.17 9.42
CA LEU A 175 -17.10 45.66 10.33
C LEU A 175 -18.07 46.56 9.57
N ILE A 176 -18.88 45.92 8.72
CA ILE A 176 -19.73 46.66 7.80
C ILE A 176 -20.77 47.48 8.56
N LYS A 177 -21.44 46.85 9.52
CA LYS A 177 -22.52 47.53 10.23
C LYS A 177 -22.00 48.68 11.07
N GLU A 178 -20.80 48.56 11.64
CA GLU A 178 -20.19 49.69 12.32
C GLU A 178 -19.88 50.81 11.33
N ALA A 179 -19.38 50.44 10.15
CA ALA A 179 -19.01 51.44 9.15
C ALA A 179 -20.23 52.25 8.70
N LEU A 180 -21.32 51.55 8.38
CA LEU A 180 -22.57 52.23 8.09
C LEU A 180 -23.02 53.08 9.26
N GLN A 181 -22.79 52.58 10.48
CA GLN A 181 -23.16 53.32 11.69
C GLN A 181 -22.50 54.69 11.73
N VAL A 182 -21.18 54.74 11.53
CA VAL A 182 -20.50 56.03 11.67
C VAL A 182 -20.95 56.99 10.58
N LEU A 183 -21.24 56.50 9.38
CA LEU A 183 -21.80 57.37 8.35
C LEU A 183 -23.15 57.93 8.79
N VAL A 184 -23.95 57.12 9.48
CA VAL A 184 -25.29 57.55 9.90
C VAL A 184 -25.20 58.67 10.91
N GLU A 185 -24.38 58.50 11.95
CA GLU A 185 -24.24 59.52 12.98
C GLU A 185 -23.74 60.85 12.43
N ASN A 186 -23.03 60.83 11.30
CA ASN A 186 -22.47 62.02 10.71
C ASN A 186 -23.32 62.56 9.56
N LYS A 187 -24.56 62.09 9.44
CA LYS A 187 -25.45 62.54 8.36
C LYS A 187 -25.57 64.06 8.32
N ALA A 188 -25.54 64.71 9.48
CA ALA A 188 -25.65 66.17 9.55
C ALA A 188 -24.33 66.88 9.25
N ASN A 189 -23.26 66.16 8.93
CA ASN A 189 -21.98 66.78 8.62
C ASN A 189 -21.46 66.51 7.23
N ILE A 190 -22.24 65.84 6.40
CA ILE A 190 -21.78 65.55 5.07
C ILE A 190 -22.53 66.16 3.89
N LYS A 191 -23.24 67.26 4.09
CA LYS A 191 -23.98 67.95 3.02
C LYS A 191 -25.04 67.10 2.35
N LYS A 192 -25.28 67.31 1.06
CA LYS A 192 -26.30 66.53 0.40
C LYS A 192 -25.77 65.66 -0.73
N VAL A 193 -24.58 65.97 -1.21
CA VAL A 193 -24.00 65.17 -2.27
C VAL A 193 -23.69 63.78 -1.77
N GLU A 194 -23.22 63.70 -0.55
CA GLU A 194 -22.92 62.44 0.02
C GLU A 194 -24.15 61.92 0.75
N GLN A 195 -25.19 62.71 0.90
CA GLN A 195 -26.36 62.24 1.64
C GLN A 195 -27.03 61.07 0.97
N SER A 196 -27.08 61.11 -0.32
CA SER A 196 -27.62 60.05 -1.08
C SER A 196 -26.82 58.79 -0.85
N PHE A 197 -25.52 58.89 -0.73
CA PHE A 197 -24.70 57.69 -0.56
C PHE A 197 -25.13 56.85 0.63
N LEU A 198 -25.70 57.49 1.65
CA LEU A 198 -26.15 56.77 2.83
C LEU A 198 -27.21 55.71 2.48
N THR A 199 -28.11 56.03 1.53
CA THR A 199 -29.11 55.04 1.14
C THR A 199 -28.48 53.87 0.41
N TYR A 200 -27.50 54.12 -0.47
CA TYR A 200 -26.83 53.03 -1.16
C TYR A 200 -26.06 52.13 -0.21
N PHE A 201 -25.62 52.68 0.90
CA PHE A 201 -24.83 51.94 1.84
C PHE A 201 -25.71 51.01 2.61
N LYS A 202 -26.76 51.54 3.23
CA LYS A 202 -27.76 50.71 3.89
C LYS A 202 -28.14 49.52 3.02
N ALA A 203 -28.37 49.77 1.73
CA ALA A 203 -28.71 48.69 0.81
C ALA A 203 -27.57 47.69 0.70
N TYR A 204 -26.36 48.19 0.41
CA TYR A 204 -25.19 47.32 0.33
C TYR A 204 -25.02 46.51 1.62
N ALA A 205 -25.26 47.15 2.77
CA ALA A 205 -25.01 46.51 4.05
C ALA A 205 -26.07 45.46 4.37
N SER A 206 -27.33 45.76 4.07
CA SER A 206 -28.44 44.84 4.35
C SER A 206 -28.67 43.90 3.16
N SER A 207 -27.68 43.09 2.89
CA SER A 207 -27.81 42.08 1.85
C SER A 207 -26.80 40.99 2.12
N LYS A 208 -26.72 40.01 1.25
CA LYS A 208 -25.72 38.98 1.45
C LYS A 208 -24.77 38.98 0.29
N ASP A 209 -25.28 39.37 -0.86
CA ASP A 209 -24.50 39.46 -2.06
C ASP A 209 -23.47 40.59 -2.02
N HIS A 210 -23.76 41.65 -1.26
CA HIS A 210 -22.91 42.85 -1.17
C HIS A 210 -22.73 43.40 -2.55
N GLY A 211 -23.88 43.60 -3.14
CA GLY A 211 -24.09 44.13 -4.45
C GLY A 211 -25.25 45.08 -4.35
N LEU A 212 -25.45 45.84 -5.39
CA LEU A 212 -26.50 46.80 -5.36
C LEU A 212 -27.44 46.53 -6.51
N PRO A 213 -28.72 46.84 -6.33
CA PRO A 213 -29.75 46.74 -7.36
C PRO A 213 -29.36 47.67 -8.51
N VAL A 214 -29.67 47.30 -9.73
CA VAL A 214 -29.12 48.04 -10.87
C VAL A 214 -29.61 49.49 -10.90
N GLU A 215 -30.79 49.78 -10.36
CA GLU A 215 -31.23 51.17 -10.26
C GLU A 215 -30.34 51.97 -9.31
N TYR A 216 -29.77 51.31 -8.30
CA TYR A 216 -28.87 52.00 -7.38
C TYR A 216 -27.48 52.14 -7.97
N SER A 217 -26.96 51.07 -8.58
CA SER A 217 -25.60 51.13 -9.13
C SER A 217 -25.48 52.15 -10.27
N THR A 218 -26.54 52.34 -11.08
CA THR A 218 -26.48 53.36 -12.11
C THR A 218 -26.56 54.77 -11.53
N LYS A 219 -27.40 54.97 -10.52
CA LYS A 219 -27.50 56.27 -9.87
C LYS A 219 -26.18 56.62 -9.17
N LEU A 220 -25.65 55.69 -8.37
CA LEU A 220 -24.40 55.94 -7.66
C LEU A 220 -23.24 56.16 -8.63
N HIS A 221 -23.23 55.45 -9.76
CA HIS A 221 -22.14 55.66 -10.72
C HIS A 221 -22.21 57.05 -11.35
N THR A 222 -23.41 57.52 -11.65
CA THR A 222 -23.54 58.87 -12.19
C THR A 222 -23.04 59.89 -11.17
N GLU A 223 -23.44 59.73 -9.91
CA GLU A 223 -23.00 60.65 -8.87
C GLU A 223 -21.50 60.57 -8.67
N TYR A 224 -20.96 59.36 -8.68
CA TYR A 224 -19.51 59.19 -8.58
C TYR A 224 -18.80 59.92 -9.71
N ASN A 225 -19.25 59.72 -10.95
CA ASN A 225 -18.56 60.35 -12.07
C ASN A 225 -18.73 61.88 -12.04
N GLN A 226 -19.87 62.36 -11.57
CA GLN A 226 -20.12 63.79 -11.67
C GLN A 226 -19.52 64.57 -10.53
N HIS A 227 -19.31 63.96 -9.37
CA HIS A 227 -18.88 64.75 -8.22
C HIS A 227 -17.62 64.22 -7.56
N ILE A 228 -17.44 62.91 -7.50
CA ILE A 228 -16.40 62.33 -6.69
C ILE A 228 -15.15 62.04 -7.50
N LYS A 229 -15.29 61.27 -8.58
CA LYS A 229 -14.12 60.76 -9.30
C LYS A 229 -13.09 61.84 -9.56
N SER A 230 -13.51 62.98 -10.11
CA SER A 230 -12.56 63.99 -10.56
C SER A 230 -12.44 65.16 -9.60
N SER A 231 -12.90 65.01 -8.36
CA SER A 231 -12.90 66.12 -7.42
C SER A 231 -11.48 66.63 -7.22
N LEU A 232 -11.36 67.95 -7.04
CA LEU A 232 -10.05 68.57 -6.94
C LEU A 232 -9.43 68.32 -5.56
N ASP A 233 -10.19 68.56 -4.50
CA ASP A 233 -9.66 68.43 -3.14
C ASP A 233 -10.35 67.30 -2.38
N GLY A 234 -10.75 66.25 -3.08
CA GLY A 234 -11.61 65.26 -2.46
C GLY A 234 -10.84 64.35 -1.53
N ASP A 235 -11.47 64.02 -0.41
CA ASP A 235 -10.93 63.04 0.52
C ASP A 235 -10.68 61.71 -0.23
N PRO A 236 -9.47 61.16 -0.16
CA PRO A 236 -9.21 59.89 -0.88
C PRO A 236 -9.89 58.68 -0.27
N TYR A 237 -10.15 58.71 1.04
CA TYR A 237 -10.92 57.64 1.66
C TYR A 237 -12.38 57.66 1.21
N ARG A 238 -12.91 58.87 1.03
CA ARG A 238 -14.28 59.00 0.55
C ARG A 238 -14.36 58.33 -0.81
N LEU A 239 -13.42 58.68 -1.69
CA LEU A 239 -13.35 58.09 -3.02
C LEU A 239 -13.19 56.57 -2.95
N ALA A 240 -12.33 56.07 -2.05
CA ALA A 240 -12.21 54.61 -1.91
C ALA A 240 -13.52 53.97 -1.49
N VAL A 241 -14.22 54.60 -0.54
CA VAL A 241 -15.44 53.98 -0.03
C VAL A 241 -16.51 53.96 -1.10
N TYR A 242 -16.65 55.05 -1.85
CA TYR A 242 -17.55 55.06 -2.99
C TYR A 242 -17.20 53.96 -3.97
N LYS A 243 -15.93 53.84 -4.32
CA LYS A 243 -15.52 52.87 -5.32
C LYS A 243 -15.78 51.44 -4.83
N LEU A 244 -15.56 51.18 -3.55
CA LEU A 244 -15.75 49.83 -3.01
C LEU A 244 -17.23 49.49 -2.90
N ILE A 245 -18.03 50.40 -2.34
CA ILE A 245 -19.44 50.13 -2.12
C ILE A 245 -20.20 50.08 -3.44
N GLY A 246 -19.84 50.92 -4.40
CA GLY A 246 -20.54 50.96 -5.66
C GLY A 246 -19.87 50.25 -6.82
N ARG A 247 -18.65 49.75 -6.66
CA ARG A 247 -17.87 49.24 -7.79
C ARG A 247 -17.81 50.30 -8.88
N CYS A 248 -17.56 51.54 -8.47
CA CYS A 248 -17.55 52.67 -9.40
C CYS A 248 -16.26 52.64 -10.20
N ASP A 249 -16.40 52.79 -11.51
CA ASP A 249 -15.26 53.00 -12.40
C ASP A 249 -14.24 51.86 -12.25
N LEU A 250 -14.66 50.68 -12.73
CA LEU A 250 -13.83 49.49 -12.68
C LEU A 250 -12.60 49.58 -13.58
N SER A 251 -12.50 50.61 -14.43
CA SER A 251 -11.28 50.76 -15.22
C SER A 251 -10.08 51.14 -14.37
N ARG A 252 -10.32 51.68 -13.17
CA ARG A 252 -9.26 52.09 -12.25
C ARG A 252 -9.51 51.36 -10.94
N LYS A 253 -8.72 50.33 -10.66
CA LYS A 253 -9.02 49.47 -9.52
C LYS A 253 -8.28 49.87 -8.25
N ASN A 254 -7.18 50.58 -8.36
CA ASN A 254 -6.38 50.94 -7.20
C ASN A 254 -6.59 52.41 -6.87
N ILE A 255 -6.76 52.70 -5.58
CA ILE A 255 -6.64 54.05 -5.03
C ILE A 255 -5.31 54.09 -4.31
N PRO A 256 -4.23 54.48 -4.98
CA PRO A 256 -2.90 54.37 -4.36
C PRO A 256 -2.76 55.17 -3.06
N ALA A 257 -3.50 56.27 -2.91
CA ALA A 257 -3.29 57.14 -1.75
C ALA A 257 -3.64 56.44 -0.45
N VAL A 258 -4.53 55.44 -0.50
CA VAL A 258 -4.95 54.69 0.68
C VAL A 258 -4.56 53.21 0.59
N THR A 259 -3.81 52.83 -0.44
CA THR A 259 -3.29 51.46 -0.58
C THR A 259 -1.91 51.43 0.06
N LEU A 260 -1.89 51.11 1.35
CA LEU A 260 -0.66 51.21 2.14
C LEU A 260 0.09 49.89 2.30
N SER A 261 -0.44 48.77 1.80
CA SER A 261 0.23 47.48 1.90
C SER A 261 -0.27 46.56 0.80
N ILE A 262 0.48 45.47 0.59
CA ILE A 262 0.05 44.43 -0.36
C ILE A 262 -1.30 43.85 0.07
N GLU A 263 -1.49 43.63 1.37
CA GLU A 263 -2.79 43.15 1.84
C GLU A 263 -3.92 44.09 1.41
N ASP A 264 -3.71 45.41 1.55
CA ASP A 264 -4.71 46.37 1.11
C ASP A 264 -4.98 46.25 -0.38
N TRP A 265 -3.93 46.10 -1.19
CA TRP A 265 -4.10 45.96 -2.63
C TRP A 265 -4.92 44.71 -2.95
N LEU A 266 -4.55 43.59 -2.32
CA LEU A 266 -5.30 42.35 -2.52
C LEU A 266 -6.75 42.53 -2.10
N TRP A 267 -6.98 43.09 -0.92
CA TRP A 267 -8.35 43.24 -0.43
C TRP A 267 -9.18 44.13 -1.34
N MET A 268 -8.60 45.22 -1.83
CA MET A 268 -9.37 46.14 -2.67
C MET A 268 -9.77 45.49 -3.99
N HIS A 269 -8.84 44.73 -4.60
CA HIS A 269 -9.23 44.01 -5.80
C HIS A 269 -10.27 42.94 -5.50
N LEU A 270 -10.06 42.16 -4.43
CA LEU A 270 -11.02 41.11 -4.10
C LEU A 270 -12.41 41.69 -3.86
N MET A 271 -12.45 42.93 -3.37
CA MET A 271 -13.69 43.63 -3.07
C MET A 271 -14.49 43.96 -4.33
N LEU A 272 -13.82 43.99 -5.48
CA LEU A 272 -14.41 44.42 -6.73
C LEU A 272 -14.80 43.26 -7.63
N ILE A 273 -14.50 42.02 -7.25
CA ILE A 273 -14.78 40.87 -8.09
C ILE A 273 -16.24 40.50 -7.96
N LYS A 274 -16.89 40.20 -9.10
CA LYS A 274 -18.19 39.55 -9.12
C LYS A 274 -18.14 38.29 -9.98
N GLU A 275 -19.13 37.42 -9.77
CA GLU A 275 -19.39 36.32 -10.70
C GLU A 275 -19.84 36.87 -12.04
N LYS A 276 -19.47 36.17 -13.12
CA LYS A 276 -19.83 36.59 -14.47
C LYS A 276 -21.33 36.80 -14.61
N ASP A 277 -22.12 35.88 -14.05
CA ASP A 277 -23.56 35.98 -14.20
C ASP A 277 -24.18 36.99 -13.25
N ALA A 278 -23.38 37.70 -12.46
CA ALA A 278 -23.87 38.77 -11.61
C ALA A 278 -23.34 40.14 -12.03
N GLU A 279 -22.92 40.29 -13.29
CA GLU A 279 -22.49 41.60 -13.80
C GLU A 279 -23.68 42.33 -14.40
N ASN A 280 -24.04 43.48 -13.83
CA ASN A 280 -25.22 44.21 -14.27
C ASN A 280 -25.05 44.80 -15.67
N ASP A 281 -23.82 45.09 -16.09
CA ASP A 281 -23.56 45.80 -17.34
C ASP A 281 -22.25 45.30 -17.94
N PRO A 282 -22.19 44.02 -18.30
CA PRO A 282 -20.90 43.44 -18.73
C PRO A 282 -20.27 44.11 -19.94
N VAL A 283 -21.07 44.71 -20.82
CA VAL A 283 -20.46 45.29 -22.00
C VAL A 283 -19.84 46.65 -21.65
N TYR A 284 -20.31 47.30 -20.58
CA TYR A 284 -19.71 48.52 -20.07
C TYR A 284 -18.48 48.23 -19.21
N GLU A 285 -18.63 47.36 -18.21
CA GLU A 285 -17.54 46.98 -17.35
C GLU A 285 -17.78 45.66 -16.63
N ARG A 286 -16.71 44.96 -16.29
CA ARG A 286 -16.75 43.69 -15.58
C ARG A 286 -15.43 43.40 -14.88
N TYR A 287 -15.47 42.58 -13.86
CA TYR A 287 -14.27 42.16 -13.17
C TYR A 287 -14.53 40.84 -12.49
N SER A 288 -13.86 39.80 -12.95
CA SER A 288 -14.05 38.46 -12.40
C SER A 288 -12.80 37.97 -11.67
N LEU A 289 -12.93 36.82 -11.01
CA LEU A 289 -11.80 36.23 -10.32
C LEU A 289 -10.68 35.90 -11.29
N GLU A 290 -11.03 35.45 -12.49
CA GLU A 290 -10.00 35.14 -13.48
C GLU A 290 -9.24 36.39 -13.89
N ASP A 291 -9.94 37.53 -14.05
CA ASP A 291 -9.25 38.78 -14.30
C ASP A 291 -8.21 39.03 -13.24
N PHE A 292 -8.60 38.88 -11.98
CA PHE A 292 -7.69 39.08 -10.85
C PHE A 292 -6.52 38.09 -10.90
N GLN A 293 -6.78 36.84 -11.27
CA GLN A 293 -5.68 35.88 -11.33
C GLN A 293 -4.74 36.20 -12.48
N ASN A 294 -5.29 36.67 -13.60
CA ASN A 294 -4.46 36.99 -14.76
C ASN A 294 -3.46 38.10 -14.45
N ILE A 295 -3.87 39.12 -13.70
CA ILE A 295 -2.93 40.19 -13.44
C ILE A 295 -1.93 39.79 -12.37
N ILE A 296 -2.35 38.99 -11.38
CA ILE A 296 -1.40 38.44 -10.41
C ILE A 296 -0.35 37.61 -11.13
N ILE A 297 -0.76 36.84 -12.13
CA ILE A 297 0.19 36.04 -12.89
C ILE A 297 1.08 36.93 -13.74
N SER A 298 0.49 37.88 -14.46
CA SER A 298 1.27 38.75 -15.34
C SER A 298 2.33 39.54 -14.57
N TYR A 299 2.03 39.90 -13.32
CA TYR A 299 3.00 40.62 -12.50
C TYR A 299 4.12 39.70 -12.01
N GLY A 300 3.78 38.47 -11.64
CA GLY A 300 4.78 37.56 -11.16
C GLY A 300 5.29 37.93 -9.78
N PRO A 301 6.18 37.12 -9.23
CA PRO A 301 6.69 37.38 -7.87
C PRO A 301 7.45 38.67 -7.74
N SER A 302 8.00 39.19 -8.85
CA SER A 302 8.74 40.45 -8.82
C SER A 302 7.96 41.54 -8.10
N ARG A 303 6.65 41.58 -8.28
CA ARG A 303 5.84 42.66 -7.75
C ARG A 303 5.20 42.33 -6.40
N PHE A 304 5.53 41.19 -5.79
CA PHE A 304 4.78 40.77 -4.61
C PHE A 304 5.67 40.49 -3.40
N SER A 305 6.89 41.01 -3.40
CA SER A 305 7.67 41.26 -2.18
C SER A 305 7.88 39.99 -1.39
N ASN A 306 7.67 39.99 -0.08
CA ASN A 306 7.67 38.79 0.75
C ASN A 306 6.27 38.20 0.88
N TYR A 307 5.44 38.31 -0.17
CA TYR A 307 4.04 37.94 -0.06
C TYR A 307 3.48 37.15 -1.25
N TYR A 308 4.33 36.57 -2.10
CA TYR A 308 3.82 35.97 -3.33
C TYR A 308 3.09 34.66 -3.06
N LEU A 309 3.57 33.87 -2.09
CA LEU A 309 2.90 32.61 -1.79
C LEU A 309 1.52 32.87 -1.21
N GLN A 310 1.43 33.80 -0.26
CA GLN A 310 0.13 34.21 0.25
C GLN A 310 -0.76 34.74 -0.88
N THR A 311 -0.17 35.50 -1.80
CA THR A 311 -0.96 36.09 -2.87
C THR A 311 -1.53 35.01 -3.77
N LEU A 312 -0.71 34.03 -4.15
CA LEU A 312 -1.20 32.91 -4.95
C LEU A 312 -2.29 32.16 -4.21
N LEU A 313 -2.10 31.91 -2.92
CA LEU A 313 -3.10 31.19 -2.14
C LEU A 313 -4.39 32.00 -2.02
N LEU A 314 -4.28 33.30 -1.74
CA LEU A 314 -5.47 34.15 -1.57
C LEU A 314 -6.20 34.34 -2.89
N SER A 315 -5.50 34.29 -4.02
CA SER A 315 -6.14 34.37 -5.34
C SER A 315 -6.69 33.03 -5.81
N GLY A 316 -6.56 31.97 -5.01
CA GLY A 316 -7.04 30.68 -5.45
C GLY A 316 -6.20 30.03 -6.52
N LEU A 317 -4.93 30.42 -6.64
CA LEU A 317 -4.00 29.80 -7.58
C LEU A 317 -3.20 28.74 -6.80
N TYR A 318 -3.87 27.62 -6.52
CA TYR A 318 -3.33 26.65 -5.58
C TYR A 318 -2.16 25.88 -6.16
N GLY A 319 -2.28 25.44 -7.41
CA GLY A 319 -1.16 24.78 -8.05
C GLY A 319 0.06 25.68 -8.11
N LEU A 320 -0.15 26.95 -8.46
CA LEU A 320 0.97 27.87 -8.56
C LEU A 320 1.61 28.11 -7.20
N ALA A 321 0.80 28.11 -6.14
CA ALA A 321 1.36 28.28 -4.81
C ALA A 321 2.18 27.06 -4.40
N ILE A 322 1.71 25.85 -4.74
CA ILE A 322 2.50 24.65 -4.54
C ILE A 322 3.79 24.75 -5.35
N ASP A 323 3.67 25.03 -6.65
CA ASP A 323 4.83 25.11 -7.53
C ASP A 323 5.82 26.16 -7.05
N TYR A 324 5.32 27.30 -6.59
CA TYR A 324 6.23 28.34 -6.11
C TYR A 324 6.98 27.86 -4.87
N THR A 325 6.27 27.21 -3.95
CA THR A 325 6.90 26.66 -2.76
C THR A 325 8.03 25.70 -3.10
N TYR A 326 7.91 24.97 -4.21
CA TYR A 326 8.97 24.05 -4.60
C TYR A 326 10.30 24.76 -4.82
N THR A 327 10.27 26.05 -5.17
CA THR A 327 11.51 26.76 -5.46
C THR A 327 12.39 26.88 -4.23
N PHE A 328 11.83 26.73 -3.03
CA PHE A 328 12.65 26.84 -1.83
C PHE A 328 12.49 25.73 -0.77
N SER A 329 11.45 24.89 -0.83
CA SER A 329 11.39 23.78 0.14
C SER A 329 10.41 22.72 -0.37
N GLU A 330 10.96 21.66 -0.96
CA GLU A 330 10.18 20.51 -1.39
C GLU A 330 9.30 19.97 -0.25
N MET A 331 9.88 19.82 0.95
CA MET A 331 9.13 19.27 2.07
C MET A 331 7.93 20.13 2.41
N ASP A 332 8.13 21.46 2.46
CA ASP A 332 7.01 22.31 2.77
C ASP A 332 6.03 22.40 1.61
N ALA A 333 6.51 22.24 0.37
CA ALA A 333 5.60 22.20 -0.78
C ALA A 333 4.69 20.99 -0.71
N VAL A 334 5.29 19.80 -0.55
CA VAL A 334 4.52 18.55 -0.44
C VAL A 334 3.43 18.70 0.62
N HIS A 335 3.77 19.30 1.75
CA HIS A 335 2.83 19.30 2.86
C HIS A 335 1.78 20.39 2.70
N LEU A 336 2.15 21.50 2.07
CA LEU A 336 1.13 22.47 1.69
C LEU A 336 0.15 21.84 0.72
N ALA A 337 0.63 21.01 -0.20
CA ALA A 337 -0.30 20.34 -1.11
C ALA A 337 -1.25 19.45 -0.34
N ILE A 338 -0.75 18.76 0.69
CA ILE A 338 -1.63 17.90 1.50
C ILE A 338 -2.68 18.75 2.20
N GLY A 339 -2.26 19.90 2.72
CA GLY A 339 -3.21 20.83 3.32
C GLY A 339 -4.29 21.23 2.33
N LEU A 340 -3.88 21.61 1.11
CA LEU A 340 -4.84 22.00 0.08
C LEU A 340 -5.72 20.82 -0.35
N ALA A 341 -5.16 19.60 -0.38
CA ALA A 341 -5.97 18.42 -0.69
C ALA A 341 -6.94 18.12 0.44
N SER A 342 -6.49 18.20 1.69
CA SER A 342 -7.40 18.09 2.83
C SER A 342 -8.62 19.01 2.69
N LEU A 343 -8.46 20.19 2.08
CA LEU A 343 -9.59 21.10 1.90
C LEU A 343 -10.31 20.93 0.57
N LYS A 344 -9.97 19.90 -0.22
CA LYS A 344 -10.58 19.66 -1.54
C LYS A 344 -10.43 20.88 -2.46
N LEU A 345 -9.26 21.51 -2.41
CA LEU A 345 -9.03 22.74 -3.16
C LEU A 345 -8.43 22.53 -4.55
N PHE A 346 -7.70 21.45 -4.76
CA PHE A 346 -6.98 21.23 -6.01
C PHE A 346 -7.82 21.30 -7.30
N ILE A 362 2.20 20.31 -9.19
CA ILE A 362 2.09 19.12 -10.04
C ILE A 362 1.14 18.11 -9.39
N ARG A 363 0.65 17.14 -10.14
CA ARG A 363 -0.31 16.12 -9.67
C ARG A 363 -0.07 15.58 -8.29
N PHE A 364 -1.13 15.51 -7.50
CA PHE A 364 -1.02 15.06 -6.14
C PHE A 364 -0.36 13.72 -5.98
N ALA A 365 -0.81 12.74 -6.75
CA ALA A 365 -0.26 11.41 -6.58
C ALA A 365 1.24 11.41 -6.85
N ASN A 366 1.68 12.16 -7.86
CA ASN A 366 3.10 12.21 -8.17
C ASN A 366 3.86 13.06 -7.16
N ILE A 367 3.24 14.14 -6.67
CA ILE A 367 3.80 14.88 -5.53
C ILE A 367 4.09 13.92 -4.38
N LEU A 368 3.10 13.12 -4.00
CA LEU A 368 3.26 12.26 -2.85
C LEU A 368 4.22 11.11 -3.13
N ALA A 369 4.16 10.52 -4.33
CA ALA A 369 5.07 9.43 -4.64
C ALA A 369 6.48 9.91 -4.94
N ASN A 370 6.67 11.19 -5.29
CA ASN A 370 8.04 11.67 -5.48
C ASN A 370 8.70 11.95 -4.14
N TYR A 371 8.01 12.66 -3.24
CA TYR A 371 8.52 12.86 -1.89
C TYR A 371 8.98 11.56 -1.25
N THR A 372 8.32 10.46 -1.57
CA THR A 372 8.56 9.22 -0.87
C THR A 372 9.91 8.61 -1.25
N LYS A 373 10.50 9.04 -2.37
CA LYS A 373 11.55 8.26 -3.02
C LYS A 373 12.81 8.16 -2.16
N SER A 374 13.14 9.23 -1.42
CA SER A 374 14.37 9.20 -0.63
C SER A 374 14.27 8.36 0.63
N PHE A 375 13.06 7.93 1.02
CA PHE A 375 12.93 7.17 2.27
C PHE A 375 12.07 5.91 2.12
N ARG A 376 11.85 5.41 0.90
CA ARG A 376 11.05 4.19 0.73
C ARG A 376 11.74 3.00 1.38
N TYR A 377 13.06 2.87 1.17
CA TYR A 377 13.81 1.77 1.76
C TYR A 377 14.06 2.04 3.24
N SER A 378 14.57 3.23 3.57
CA SER A 378 14.90 3.57 4.95
C SER A 378 13.68 3.56 5.86
N ASP A 379 12.50 3.92 5.36
CA ASP A 379 11.32 4.09 6.19
C ASP A 379 10.10 3.62 5.42
N PRO A 380 9.95 2.29 5.26
CA PRO A 380 8.82 1.78 4.47
C PRO A 380 7.45 2.15 5.03
N ARG A 381 7.30 2.19 6.36
CA ARG A 381 5.97 2.41 6.93
C ARG A 381 5.48 3.83 6.70
N VAL A 382 6.37 4.83 6.76
CA VAL A 382 5.95 6.23 6.54
C VAL A 382 5.73 6.50 5.06
N ALA A 383 6.43 5.75 4.18
CA ALA A 383 6.10 5.78 2.77
C ALA A 383 4.64 5.42 2.52
N VAL A 384 4.17 4.31 3.12
CA VAL A 384 2.75 3.96 3.06
C VAL A 384 1.91 5.13 3.56
N GLU A 385 2.35 5.78 4.63
CA GLU A 385 1.59 6.86 5.24
C GLU A 385 1.35 8.00 4.24
N TYR A 386 2.33 8.26 3.37
CA TYR A 386 2.18 9.32 2.37
C TYR A 386 1.49 8.84 1.10
N LEU A 387 1.73 7.58 0.69
CA LEU A 387 1.00 7.04 -0.47
C LEU A 387 -0.49 6.96 -0.21
N VAL A 388 -0.88 6.74 1.05
CA VAL A 388 -2.29 6.60 1.41
C VAL A 388 -3.01 7.95 1.35
N LEU A 389 -2.25 9.03 1.33
CA LEU A 389 -2.80 10.36 1.20
C LEU A 389 -3.28 10.59 -0.19
N ILE A 390 -2.98 9.69 -1.11
CA ILE A 390 -3.39 9.85 -2.49
C ILE A 390 -4.89 9.84 -2.73
N THR A 391 -5.64 9.19 -1.86
CA THR A 391 -7.07 9.17 -1.92
C THR A 391 -7.72 10.29 -1.10
N LEU A 392 -7.12 11.47 -1.11
CA LEU A 392 -7.65 12.66 -0.49
C LEU A 392 -8.47 13.35 -1.57
N ASN A 393 -8.00 13.27 -2.80
CA ASN A 393 -8.68 13.89 -3.93
C ASN A 393 -9.95 13.13 -4.31
N GLU A 394 -10.04 11.89 -3.84
CA GLU A 394 -11.19 11.03 -4.11
C GLU A 394 -11.56 10.99 -5.59
N GLY A 395 -10.65 10.47 -6.41
CA GLY A 395 -10.87 10.38 -7.84
C GLY A 395 -10.96 8.95 -8.32
N PRO A 396 -11.42 8.76 -9.57
CA PRO A 396 -11.56 7.43 -10.16
C PRO A 396 -10.20 6.78 -10.44
N THR A 397 -9.21 7.60 -10.80
CA THR A 397 -7.88 7.10 -11.10
C THR A 397 -6.97 7.22 -9.87
N ASP A 398 -7.38 8.05 -8.91
CA ASP A 398 -6.61 8.26 -7.70
C ASP A 398 -6.51 6.97 -6.88
N VAL A 399 -7.64 6.27 -6.77
CA VAL A 399 -7.67 5.01 -6.03
C VAL A 399 -6.76 3.96 -6.66
N GLU A 400 -6.73 3.94 -7.99
CA GLU A 400 -5.91 3.00 -8.72
C GLU A 400 -4.48 3.45 -8.71
N LEU A 401 -4.22 4.74 -8.62
CA LEU A 401 -2.86 5.19 -8.60
C LEU A 401 -2.22 4.86 -7.27
N CYS A 402 -3.01 4.95 -6.21
CA CYS A 402 -2.52 4.62 -4.88
C CYS A 402 -2.22 3.13 -4.79
N HIS A 403 -3.06 2.28 -5.40
CA HIS A 403 -2.80 0.84 -5.43
C HIS A 403 -1.49 0.54 -6.15
N GLU A 404 -1.28 1.14 -7.33
CA GLU A 404 -0.07 0.87 -8.10
C GLU A 404 1.18 1.36 -7.38
N ALA A 405 1.07 2.47 -6.64
CA ALA A 405 2.21 2.93 -5.85
C ALA A 405 2.53 1.95 -4.72
N LEU A 406 1.50 1.47 -4.02
CA LEU A 406 1.72 0.52 -2.93
C LEU A 406 2.31 -0.79 -3.44
N ARG A 407 1.78 -1.29 -4.56
CA ARG A 407 2.33 -2.50 -5.15
C ARG A 407 3.80 -2.32 -5.51
N GLU A 408 4.15 -1.14 -6.02
CA GLU A 408 5.55 -0.85 -6.37
C GLU A 408 6.41 -0.77 -5.13
N LEU A 409 5.88 -0.23 -4.04
CA LEU A 409 6.64 -0.17 -2.79
C LEU A 409 6.95 -1.58 -2.29
N VAL A 410 5.96 -2.47 -2.35
CA VAL A 410 6.16 -3.83 -1.84
C VAL A 410 7.12 -4.61 -2.72
N LEU A 411 6.90 -4.59 -4.03
CA LEU A 411 7.72 -5.40 -4.91
C LEU A 411 9.17 -4.93 -4.95
N GLU A 412 9.43 -3.67 -4.62
CA GLU A 412 10.74 -3.07 -4.80
C GLU A 412 11.59 -3.07 -3.53
N THR A 413 11.00 -2.67 -2.39
CA THR A 413 11.74 -2.71 -1.13
C THR A 413 11.79 -4.12 -0.56
N LYS A 414 10.92 -5.01 -1.03
CA LYS A 414 10.80 -6.38 -0.51
C LYS A 414 10.68 -6.39 1.00
N GLU A 415 10.13 -5.31 1.57
CA GLU A 415 9.97 -5.19 3.02
C GLU A 415 8.67 -5.86 3.43
N PHE A 416 8.65 -7.19 3.29
CA PHE A 416 7.38 -7.92 3.31
C PHE A 416 6.76 -7.90 4.70
N THR A 417 7.55 -8.02 5.77
CA THR A 417 6.95 -8.18 7.09
C THR A 417 6.33 -6.87 7.59
N VAL A 418 6.99 -5.73 7.36
CA VAL A 418 6.35 -4.47 7.75
C VAL A 418 5.16 -4.15 6.85
N LEU A 419 5.31 -4.36 5.54
CA LEU A 419 4.26 -3.93 4.63
C LEU A 419 3.10 -4.93 4.54
N LEU A 420 3.39 -6.24 4.52
CA LEU A 420 2.35 -7.25 4.31
C LEU A 420 1.95 -8.01 5.57
N GLY A 421 2.79 -8.03 6.59
CA GLY A 421 2.49 -8.73 7.83
C GLY A 421 3.45 -9.88 8.06
N LYS A 422 3.26 -10.56 9.18
CA LYS A 422 4.03 -11.77 9.44
C LYS A 422 3.19 -12.76 10.22
N ILE A 423 3.67 -14.00 10.28
CA ILE A 423 2.96 -15.08 10.95
C ILE A 423 3.45 -15.15 12.40
N GLY A 424 2.50 -15.09 13.33
CA GLY A 424 2.83 -15.26 14.74
C GLY A 424 3.15 -16.71 15.07
N ARG A 425 3.44 -16.94 16.35
CA ARG A 425 3.87 -18.27 16.77
C ARG A 425 2.76 -19.30 16.65
N ASP A 426 1.52 -18.89 16.85
CA ASP A 426 0.35 -19.76 16.78
C ASP A 426 -0.15 -20.00 15.35
N GLY A 427 0.48 -19.37 14.36
CA GLY A 427 0.02 -19.44 12.99
C GLY A 427 -0.88 -18.30 12.56
N ALA A 428 -1.36 -17.49 13.49
CA ALA A 428 -2.26 -16.39 13.17
C ALA A 428 -1.48 -15.22 12.57
N ARG A 429 -2.04 -14.64 11.51
CA ARG A 429 -1.38 -13.55 10.80
C ARG A 429 -1.51 -12.24 11.57
N ILE A 430 -0.40 -11.54 11.68
CA ILE A 430 -0.35 -10.18 12.23
C ILE A 430 -0.44 -9.22 11.05
N PRO A 431 -1.38 -8.27 11.05
CA PRO A 431 -1.54 -7.39 9.89
C PRO A 431 -0.31 -6.50 9.67
N GLY A 432 0.03 -6.29 8.40
CA GLY A 432 1.02 -5.30 8.02
C GLY A 432 0.40 -3.91 7.92
N VAL A 433 1.26 -2.91 7.65
CA VAL A 433 0.79 -1.51 7.67
C VAL A 433 -0.16 -1.23 6.52
N ILE A 434 0.04 -1.85 5.36
CA ILE A 434 -0.94 -1.68 4.29
C ILE A 434 -2.31 -2.16 4.73
N GLU A 435 -2.37 -3.31 5.39
CA GLU A 435 -3.64 -3.83 5.90
C GLU A 435 -4.22 -2.92 6.97
N GLU A 436 -3.37 -2.38 7.84
CA GLU A 436 -3.87 -1.49 8.89
C GLU A 436 -4.52 -0.24 8.30
N ARG A 437 -4.05 0.21 7.13
CA ARG A 437 -4.59 1.39 6.45
C ARG A 437 -5.63 1.02 5.39
N GLN A 438 -6.14 -0.20 5.42
CA GLN A 438 -7.11 -0.61 4.39
C GLN A 438 -8.33 0.29 4.31
N PRO A 439 -8.94 0.75 5.42
CA PRO A 439 -10.07 1.69 5.28
C PRO A 439 -9.75 2.86 4.37
N LEU A 440 -8.57 3.46 4.52
CA LEU A 440 -8.21 4.62 3.72
C LEU A 440 -8.02 4.29 2.24
N LEU A 441 -8.18 3.05 1.87
CA LEU A 441 -7.92 2.73 0.49
C LEU A 441 -9.16 2.69 -0.33
N HIS A 442 -10.30 2.82 0.33
CA HIS A 442 -11.59 2.81 -0.35
C HIS A 442 -11.77 1.57 -1.23
N VAL A 443 -11.45 0.42 -0.66
CA VAL A 443 -11.52 -0.85 -1.38
C VAL A 443 -12.88 -1.54 -1.48
N ARG A 444 -13.26 -1.83 -2.71
CA ARG A 444 -14.47 -2.53 -3.05
C ARG A 444 -14.42 -3.93 -2.49
N ASP A 445 -13.25 -4.53 -2.66
CA ASP A 445 -12.89 -5.90 -2.25
C ASP A 445 -13.74 -6.64 -1.25
N LYS A 447 -10.39 -6.76 0.29
CA LYS A 447 -9.15 -7.35 0.76
C LYS A 447 -8.46 -8.11 -0.36
N GLU A 448 -9.04 -8.06 -1.55
CA GLU A 448 -8.52 -8.69 -2.74
C GLU A 448 -7.22 -8.10 -3.17
N PHE A 449 -7.07 -6.82 -2.96
CA PHE A 449 -5.87 -6.16 -3.35
C PHE A 449 -4.66 -6.66 -2.62
N LEU A 450 -4.78 -6.84 -1.34
CA LEU A 450 -3.70 -7.28 -0.55
C LEU A 450 -3.32 -8.67 -0.95
N HIS A 451 -4.30 -9.51 -1.13
CA HIS A 451 -4.04 -10.89 -1.54
C HIS A 451 -3.29 -10.92 -2.87
N THR A 452 -3.75 -10.12 -3.83
CA THR A 452 -3.15 -10.09 -5.16
C THR A 452 -1.69 -9.67 -5.13
N ILE A 453 -1.36 -8.68 -4.30
CA ILE A 453 0.02 -8.19 -4.27
C ILE A 453 0.93 -9.22 -3.58
N THR A 454 0.41 -9.88 -2.54
CA THR A 454 1.19 -10.92 -1.87
C THR A 454 1.52 -12.06 -2.83
N GLU A 455 0.56 -12.49 -3.66
CA GLU A 455 0.80 -13.56 -4.61
C GLU A 455 1.83 -13.15 -5.67
N GLN A 456 1.80 -11.90 -6.11
CA GLN A 456 2.80 -11.42 -7.06
C GLN A 456 4.19 -11.41 -6.45
N ALA A 457 4.31 -10.94 -5.20
CA ALA A 457 5.61 -10.96 -4.55
C ALA A 457 6.12 -12.40 -4.39
N ALA A 458 5.20 -13.32 -4.13
CA ALA A 458 5.56 -14.73 -3.96
C ALA A 458 6.13 -15.32 -5.25
N ARG A 459 5.43 -15.14 -6.37
CA ARG A 459 5.95 -15.69 -7.61
C ARG A 459 7.27 -15.05 -8.00
N ARG A 460 7.44 -13.75 -7.75
CA ARG A 460 8.74 -13.14 -7.96
C ARG A 460 9.80 -13.75 -7.04
N ALA A 461 9.43 -14.02 -5.79
CA ALA A 461 10.37 -14.64 -4.85
C ALA A 461 10.88 -15.98 -5.37
N ASP A 462 9.95 -16.78 -5.86
CA ASP A 462 10.25 -18.09 -6.37
C ASP A 462 11.12 -18.04 -7.57
N GLU A 463 10.82 -17.13 -8.44
CA GLU A 463 11.64 -16.86 -9.63
C GLU A 463 13.06 -16.44 -9.24
N ASP A 464 13.20 -15.53 -8.27
CA ASP A 464 14.51 -15.07 -7.81
C ASP A 464 15.28 -16.09 -7.00
N GLY A 465 14.65 -17.18 -6.55
CA GLY A 465 15.33 -18.11 -5.67
C GLY A 465 15.29 -17.76 -4.20
N ARG A 466 14.48 -16.76 -3.82
CA ARG A 466 14.34 -16.37 -2.40
C ARG A 466 13.34 -17.31 -1.73
N ILE A 467 13.82 -18.53 -1.41
CA ILE A 467 12.94 -19.59 -0.93
C ILE A 467 12.24 -19.16 0.37
N TYR A 468 13.00 -18.64 1.32
CA TYR A 468 12.40 -18.21 2.58
C TYR A 468 11.36 -17.13 2.36
N ASP A 469 11.65 -16.18 1.45
CA ASP A 469 10.65 -15.17 1.09
C ASP A 469 9.39 -15.85 0.57
N SER A 470 9.56 -16.80 -0.35
CA SER A 470 8.40 -17.40 -1.00
C SER A 470 7.56 -18.17 0.01
N ILE A 471 8.22 -18.85 0.95
CA ILE A 471 7.51 -19.57 2.00
C ILE A 471 6.75 -18.62 2.90
N LEU A 472 7.35 -17.47 3.23
CA LEU A 472 6.64 -16.47 4.03
C LEU A 472 5.47 -15.87 3.27
N LEU A 473 5.68 -15.54 2.00
CA LEU A 473 4.61 -14.91 1.23
C LEU A 473 3.46 -15.87 0.98
N TYR A 474 3.76 -17.13 0.67
CA TYR A 474 2.67 -18.07 0.41
C TYR A 474 1.87 -18.34 1.67
N GLN A 475 2.51 -18.26 2.84
CA GLN A 475 1.76 -18.30 4.08
C GLN A 475 0.84 -17.10 4.20
N LEU A 476 1.34 -15.91 3.88
CA LEU A 476 0.51 -14.72 3.98
C LEU A 476 -0.66 -14.81 3.01
N ALA A 477 -0.42 -15.32 1.80
CA ALA A 477 -1.48 -15.50 0.83
C ALA A 477 -2.39 -16.68 1.17
N GLU A 478 -2.12 -17.37 2.28
CA GLU A 478 -2.86 -18.55 2.70
C GLU A 478 -2.87 -19.62 1.61
N GLU A 479 -1.72 -19.82 0.98
CA GLU A 479 -1.56 -20.87 -0.03
C GLU A 479 -0.89 -22.08 0.62
N TYR A 480 -1.66 -22.74 1.48
CA TYR A 480 -1.07 -23.67 2.44
C TYR A 480 -0.48 -24.90 1.78
N ASP A 481 -1.12 -25.40 0.72
CA ASP A 481 -0.56 -26.58 0.05
C ASP A 481 0.74 -26.23 -0.67
N ILE A 482 0.84 -25.01 -1.20
CA ILE A 482 2.08 -24.58 -1.83
C ILE A 482 3.19 -24.44 -0.79
N VAL A 483 2.84 -23.92 0.39
CA VAL A 483 3.81 -23.79 1.47
C VAL A 483 4.43 -25.16 1.79
N ILE A 484 3.60 -26.16 2.09
CA ILE A 484 4.12 -27.49 2.43
C ILE A 484 4.95 -28.05 1.27
N THR A 485 4.47 -27.83 0.05
CA THR A 485 5.26 -28.18 -1.14
C THR A 485 6.65 -27.57 -1.11
N LEU A 486 6.75 -26.27 -0.79
CA LEU A 486 8.05 -25.60 -0.76
C LEU A 486 8.88 -26.07 0.42
N VAL A 487 8.26 -26.19 1.60
CA VAL A 487 8.97 -26.69 2.76
C VAL A 487 9.48 -28.12 2.53
N ASN A 488 8.66 -28.99 1.92
CA ASN A 488 9.14 -30.35 1.66
C ASN A 488 10.32 -30.34 0.71
N SER A 489 10.23 -29.51 -0.33
CA SER A 489 11.30 -29.44 -1.30
C SER A 489 12.57 -28.92 -0.64
N LEU A 490 12.45 -27.89 0.21
CA LEU A 490 13.63 -27.35 0.90
C LEU A 490 14.24 -28.37 1.85
N LEU A 491 13.41 -29.02 2.68
CA LEU A 491 13.95 -30.02 3.63
C LEU A 491 14.55 -31.22 2.89
N SER A 492 13.91 -31.66 1.82
CA SER A 492 14.42 -32.82 1.10
C SER A 492 15.78 -32.53 0.50
N ASP A 493 15.93 -31.36 -0.14
CA ASP A 493 17.21 -30.96 -0.71
C ASP A 493 18.27 -30.83 0.37
N THR A 494 17.90 -30.28 1.53
CA THR A 494 18.83 -30.21 2.65
C THR A 494 19.32 -31.60 3.07
N LEU A 495 18.39 -32.55 3.24
CA LEU A 495 18.76 -33.90 3.68
C LEU A 495 19.64 -34.59 2.64
N SER A 496 19.32 -34.46 1.36
CA SER A 496 20.13 -35.18 0.39
C SER A 496 21.45 -34.48 0.10
N ALA A 497 21.54 -33.14 0.25
CA ALA A 497 22.72 -32.44 -0.25
C ALA A 497 23.73 -32.11 0.84
N SER A 498 23.28 -31.85 2.06
CA SER A 498 24.21 -31.54 3.14
C SER A 498 25.08 -32.76 3.44
N ASP A 499 26.40 -32.59 3.36
CA ASP A 499 27.35 -33.65 3.66
C ASP A 499 26.94 -34.40 4.91
N LEU A 500 27.05 -35.73 4.84
CA LEU A 500 26.36 -36.60 5.80
C LEU A 500 26.86 -36.37 7.22
N ASP A 501 28.17 -36.19 7.40
CA ASP A 501 28.76 -36.07 8.72
C ASP A 501 28.56 -34.70 9.37
N GLN A 502 27.99 -33.73 8.66
CA GLN A 502 27.76 -32.46 9.31
C GLN A 502 26.44 -32.45 10.08
N PRO A 503 26.33 -31.66 11.14
CA PRO A 503 25.05 -31.55 11.85
C PRO A 503 24.05 -30.71 11.07
N LEU A 504 22.76 -31.02 11.26
CA LEU A 504 21.68 -30.32 10.58
C LEU A 504 21.14 -29.13 11.35
N VAL A 505 21.22 -29.16 12.68
CA VAL A 505 20.65 -28.13 13.53
C VAL A 505 21.69 -27.72 14.56
N GLY A 506 21.96 -26.41 14.66
CA GLY A 506 22.89 -25.89 15.62
C GLY A 506 22.19 -25.18 16.76
N PRO A 507 22.92 -24.96 17.86
CA PRO A 507 22.31 -24.36 19.06
C PRO A 507 21.65 -23.00 18.83
N ASP A 508 22.04 -22.27 17.79
CA ASP A 508 21.51 -20.93 17.55
C ASP A 508 20.65 -20.85 16.30
N ASP A 509 20.13 -21.99 15.83
CA ASP A 509 19.26 -22.02 14.66
C ASP A 509 17.81 -21.80 15.10
N ASN A 510 17.02 -21.37 14.14
CA ASN A 510 15.65 -21.06 14.41
C ASN A 510 14.69 -21.56 13.41
N SER A 511 13.42 -21.48 13.76
CA SER A 511 12.32 -21.95 12.97
C SER A 511 12.02 -21.14 11.78
N GLU A 512 12.73 -20.06 11.56
N GLU A 512 12.74 -20.07 11.56
CA GLU A 512 12.46 -19.26 10.38
CA GLU A 512 12.46 -19.25 10.39
C GLU A 512 13.41 -19.57 9.27
C GLU A 512 13.41 -19.57 9.27
N THR A 513 14.65 -19.81 9.61
CA THR A 513 15.59 -20.12 8.57
C THR A 513 16.24 -21.47 8.51
N ASN A 514 16.02 -22.31 9.48
CA ASN A 514 16.61 -23.66 9.43
C ASN A 514 15.61 -24.65 8.84
N PRO A 515 16.00 -25.41 7.81
CA PRO A 515 15.01 -26.26 7.13
C PRO A 515 14.39 -27.32 8.00
N VAL A 516 15.13 -27.94 8.91
CA VAL A 516 14.49 -28.91 9.83
C VAL A 516 13.55 -28.19 10.78
N LEU A 517 14.03 -27.13 11.44
CA LEU A 517 13.20 -26.42 12.41
C LEU A 517 11.99 -25.78 11.75
N LEU A 518 12.14 -25.31 10.51
CA LEU A 518 11.00 -24.74 9.78
C LEU A 518 9.92 -25.79 9.55
N ALA A 519 10.30 -26.92 8.93
CA ALA A 519 9.34 -28.00 8.67
C ALA A 519 8.65 -28.45 9.95
N ARG A 520 9.42 -28.65 11.03
CA ARG A 520 8.77 -28.97 12.30
C ARG A 520 7.74 -27.92 12.66
N ARG A 521 8.09 -26.63 12.51
CA ARG A 521 7.13 -25.58 12.86
C ARG A 521 5.90 -25.63 11.96
N MET A 522 6.09 -25.84 10.65
CA MET A 522 4.92 -25.89 9.76
C MET A 522 4.04 -27.09 10.10
N ALA A 523 4.65 -28.23 10.44
CA ALA A 523 3.84 -29.40 10.81
C ALA A 523 3.04 -29.12 12.07
N SER A 524 3.64 -28.45 13.03
CA SER A 524 2.96 -28.22 14.30
C SER A 524 1.82 -27.23 14.17
N ILE A 525 2.02 -26.13 13.44
CA ILE A 525 1.00 -25.08 13.42
C ILE A 525 -0.08 -25.31 12.35
N TYR A 526 0.17 -26.20 11.38
CA TYR A 526 -0.80 -26.37 10.30
C TYR A 526 -1.52 -27.70 10.33
N PHE A 527 -0.84 -28.81 10.60
CA PHE A 527 -1.46 -30.11 10.35
C PHE A 527 -2.59 -30.39 11.34
N ASP A 528 -2.50 -29.85 12.56
CA ASP A 528 -3.55 -30.02 13.57
C ASP A 528 -4.52 -28.84 13.60
N ASN A 529 -4.79 -28.24 12.45
CA ASN A 529 -5.69 -27.09 12.31
C ASN A 529 -6.64 -27.46 11.17
N ALA A 530 -7.80 -28.04 11.53
CA ALA A 530 -8.69 -28.61 10.52
C ALA A 530 -8.97 -27.65 9.39
N GLY A 531 -9.15 -26.36 9.69
CA GLY A 531 -9.35 -25.37 8.64
C GLY A 531 -8.19 -25.32 7.67
N ILE A 532 -6.96 -25.41 8.17
CA ILE A 532 -5.79 -25.34 7.31
C ILE A 532 -5.42 -26.72 6.78
N SER A 533 -5.41 -27.73 7.65
CA SER A 533 -4.96 -29.07 7.27
C SER A 533 -5.77 -29.61 6.11
N ARG A 534 -7.10 -29.38 6.11
CA ARG A 534 -7.95 -29.75 4.99
C ARG A 534 -7.41 -29.28 3.65
N GLN A 535 -6.74 -28.12 3.61
CA GLN A 535 -6.28 -27.51 2.37
C GLN A 535 -4.94 -28.03 1.90
N ILE A 536 -4.31 -28.93 2.66
CA ILE A 536 -3.03 -29.51 2.29
C ILE A 536 -3.30 -30.94 1.84
N HIS A 537 -2.85 -31.27 0.63
CA HIS A 537 -3.07 -32.60 0.10
C HIS A 537 -2.52 -33.64 1.06
N VAL A 538 -3.24 -34.76 1.17
CA VAL A 538 -2.88 -35.80 2.15
C VAL A 538 -1.44 -36.28 1.94
N LYS A 539 -0.99 -36.37 0.69
CA LYS A 539 0.36 -36.89 0.44
C LYS A 539 1.44 -35.86 0.76
N ASN A 540 1.11 -34.57 0.66
CA ASN A 540 2.09 -33.55 1.04
C ASN A 540 2.33 -33.57 2.54
N LYS A 541 1.27 -33.77 3.34
CA LYS A 541 1.45 -34.00 4.78
C LYS A 541 2.31 -35.22 5.03
N GLU A 542 2.04 -36.31 4.30
CA GLU A 542 2.79 -37.55 4.56
C GLU A 542 4.26 -37.39 4.17
N ILE A 543 4.54 -36.73 3.06
CA ILE A 543 5.93 -36.53 2.67
C ILE A 543 6.64 -35.69 3.72
N CYS A 544 5.95 -34.68 4.26
CA CYS A 544 6.54 -33.84 5.29
C CYS A 544 6.91 -34.66 6.52
N MET A 545 6.00 -35.51 7.00
CA MET A 545 6.31 -36.31 8.20
C MET A 545 7.42 -37.33 7.93
N LEU A 546 7.45 -37.90 6.73
CA LEU A 546 8.53 -38.82 6.40
C LEU A 546 9.89 -38.12 6.39
N LEU A 547 9.98 -36.98 5.70
CA LEU A 547 11.23 -36.21 5.70
C LEU A 547 11.66 -35.85 7.11
N LEU A 548 10.70 -35.50 7.97
CA LEU A 548 11.02 -35.17 9.35
C LEU A 548 11.54 -36.41 10.10
N ASN A 549 10.89 -37.56 9.90
CA ASN A 549 11.44 -38.80 10.45
C ASN A 549 12.85 -39.04 9.92
N ILE A 550 13.10 -38.74 8.64
CA ILE A 550 14.46 -38.87 8.16
C ILE A 550 15.39 -37.92 8.91
N SER A 551 14.94 -36.69 9.16
N SER A 551 14.99 -36.71 9.08
CA SER A 551 15.86 -35.78 9.85
CA SER A 551 15.91 -35.80 9.77
C SER A 551 16.12 -36.27 11.28
C SER A 551 16.18 -36.29 11.19
N SER A 552 15.14 -36.90 11.92
CA SER A 552 15.38 -37.49 13.24
C SER A 552 16.41 -38.63 13.17
N ILE A 553 16.35 -39.43 12.11
CA ILE A 553 17.32 -40.51 11.93
C ILE A 553 18.72 -39.93 11.75
N ARG A 554 18.84 -38.84 10.99
CA ARG A 554 20.15 -38.24 10.78
C ARG A 554 20.72 -37.68 12.09
N GLU A 555 19.88 -37.12 12.94
CA GLU A 555 20.40 -36.62 14.22
C GLU A 555 20.90 -37.77 15.11
N LEU A 556 20.09 -38.83 15.23
CA LEU A 556 20.54 -39.98 16.00
C LEU A 556 21.86 -40.51 15.49
N TYR A 557 21.99 -40.61 14.15
CA TYR A 557 23.23 -41.04 13.52
C TYR A 557 24.39 -40.12 13.89
N PHE A 558 24.21 -38.82 13.68
CA PHE A 558 25.26 -37.88 14.04
C PHE A 558 25.68 -38.05 15.48
N ASN A 559 24.74 -38.42 16.34
CA ASN A 559 25.01 -38.64 17.75
C ASN A 559 25.44 -40.08 18.07
N LYS A 560 25.77 -40.89 17.06
CA LYS A 560 26.35 -42.22 17.27
C LYS A 560 25.40 -43.19 18.01
N GLN A 561 24.09 -42.98 17.90
CA GLN A 561 23.10 -43.91 18.48
C GLN A 561 22.76 -44.97 17.42
N TRP A 562 23.70 -45.89 17.21
CA TRP A 562 23.60 -46.74 16.02
C TRP A 562 22.35 -47.63 16.06
N GLN A 563 22.13 -48.28 17.20
CA GLN A 563 21.02 -49.21 17.32
C GLN A 563 19.69 -48.50 17.12
N GLU A 564 19.52 -47.37 17.80
CA GLU A 564 18.27 -46.65 17.68
C GLU A 564 18.11 -46.00 16.30
N THR A 565 19.21 -45.60 15.67
CA THR A 565 19.10 -45.14 14.29
C THR A 565 18.55 -46.25 13.42
N LEU A 566 19.15 -47.44 13.52
CA LEU A 566 18.72 -48.57 12.72
C LEU A 566 17.24 -48.91 12.94
N SER A 567 16.77 -48.83 14.18
CA SER A 567 15.37 -49.17 14.47
C SER A 567 14.41 -48.14 13.84
N GLN A 568 14.73 -46.85 13.98
CA GLN A 568 13.90 -45.83 13.33
C GLN A 568 13.99 -45.97 11.81
N MET A 569 15.16 -46.32 11.28
CA MET A 569 15.31 -46.57 9.83
C MET A 569 14.30 -47.60 9.34
N GLU A 570 14.18 -48.73 10.04
CA GLU A 570 13.26 -49.78 9.60
C GLU A 570 11.81 -49.30 9.64
N LEU A 571 11.45 -48.50 10.65
CA LEU A 571 10.09 -47.94 10.74
C LEU A 571 9.75 -47.03 9.56
N LEU A 572 10.74 -46.46 8.86
CA LEU A 572 10.44 -45.70 7.65
C LEU A 572 9.70 -46.54 6.62
N ASP A 573 9.96 -47.85 6.60
CA ASP A 573 9.38 -48.76 5.61
C ASP A 573 9.79 -48.39 4.19
N LEU A 574 11.06 -48.01 4.03
CA LEU A 574 11.64 -47.75 2.72
C LEU A 574 12.71 -48.76 2.33
N LEU A 575 13.55 -49.18 3.24
CA LEU A 575 14.62 -50.11 2.97
C LEU A 575 14.23 -51.53 3.28
N PRO A 576 14.92 -52.49 2.68
CA PRO A 576 14.59 -53.88 2.90
C PRO A 576 15.13 -54.52 4.13
N PHE A 577 14.43 -54.41 5.22
CA PHE A 577 14.90 -54.98 6.44
C PHE A 577 14.36 -56.35 6.64
N SER A 578 13.17 -56.56 6.14
CA SER A 578 12.41 -57.76 6.44
C SER A 578 12.85 -59.13 6.14
N ASP A 579 13.25 -59.43 4.91
CA ASP A 579 13.67 -60.75 4.49
C ASP A 579 14.26 -60.68 3.11
N GLU A 580 14.57 -61.82 2.55
CA GLU A 580 15.20 -61.85 1.23
C GLU A 580 14.34 -61.17 0.18
N LEU A 581 13.08 -61.49 0.15
CA LEU A 581 12.18 -60.92 -0.81
C LEU A 581 11.87 -59.45 -0.63
N SER A 582 12.29 -58.86 0.46
CA SER A 582 12.08 -57.46 0.66
C SER A 582 12.89 -56.64 -0.30
N ALA A 583 14.12 -57.07 -0.55
CA ALA A 583 14.96 -56.36 -1.51
C ALA A 583 14.27 -56.20 -2.86
N ARG A 584 13.65 -57.28 -3.34
CA ARG A 584 12.96 -57.24 -4.63
C ARG A 584 11.77 -56.30 -4.58
N LYS A 585 11.02 -56.33 -3.49
CA LYS A 585 9.84 -55.50 -3.36
C LYS A 585 10.22 -54.03 -3.30
N LYS A 586 11.22 -53.69 -2.49
CA LYS A 586 11.64 -52.29 -2.39
C LYS A 586 12.29 -51.81 -3.68
N ALA A 587 13.01 -52.69 -4.40
CA ALA A 587 13.55 -52.27 -5.68
C ALA A 587 12.44 -51.89 -6.67
N GLN A 588 11.36 -52.68 -6.71
CA GLN A 588 10.23 -52.32 -7.56
C GLN A 588 9.57 -51.02 -7.12
N ASP A 589 9.42 -50.82 -5.81
CA ASP A 589 8.86 -49.58 -5.30
C ASP A 589 9.70 -48.36 -5.67
N PHE A 590 10.98 -48.53 -6.02
CA PHE A 590 11.87 -47.38 -6.13
C PHE A 590 11.37 -46.41 -7.21
N SER A 591 10.91 -46.94 -8.33
CA SER A 591 10.49 -46.06 -9.42
C SER A 591 9.22 -45.29 -9.10
N ASN A 592 8.50 -45.65 -8.03
CA ASN A 592 7.29 -44.93 -7.67
C ASN A 592 7.48 -43.99 -6.49
N LEU A 593 8.66 -43.94 -5.90
CA LEU A 593 8.86 -43.03 -4.78
C LEU A 593 8.70 -41.57 -5.24
N ASP A 594 8.25 -40.75 -4.31
CA ASP A 594 8.16 -39.31 -4.51
C ASP A 594 9.54 -38.73 -4.80
N ASP A 595 9.59 -37.69 -5.64
CA ASP A 595 10.84 -37.00 -5.95
C ASP A 595 11.60 -36.60 -4.70
N ASN A 596 10.87 -36.17 -3.67
CA ASN A 596 11.50 -35.76 -2.43
C ASN A 596 12.18 -36.93 -1.71
N ILE A 597 11.72 -38.15 -1.96
CA ILE A 597 12.26 -39.30 -1.22
C ILE A 597 13.37 -39.99 -2.01
N VAL A 598 13.20 -40.19 -3.33
CA VAL A 598 14.19 -40.95 -4.10
C VAL A 598 15.60 -40.45 -3.84
N LYS A 599 15.76 -39.13 -3.76
CA LYS A 599 17.09 -38.56 -3.65
C LYS A 599 17.68 -38.74 -2.26
N ASN A 600 16.86 -39.10 -1.28
CA ASN A 600 17.40 -39.41 0.03
C ASN A 600 17.67 -40.89 0.28
N ILE A 601 17.28 -41.78 -0.63
CA ILE A 601 17.59 -43.21 -0.44
C ILE A 601 19.08 -43.45 -0.31
N PRO A 602 19.97 -42.81 -1.10
CA PRO A 602 21.39 -43.12 -0.95
C PRO A 602 21.93 -42.91 0.45
N ASN A 603 21.68 -41.74 1.06
CA ASN A 603 22.17 -41.54 2.42
C ASN A 603 21.54 -42.52 3.40
N LEU A 604 20.29 -42.89 3.19
CA LEU A 604 19.66 -43.85 4.09
C LEU A 604 20.38 -45.19 4.04
N LEU A 605 20.77 -45.62 2.84
CA LEU A 605 21.55 -46.85 2.71
C LEU A 605 22.89 -46.68 3.39
N ILE A 606 23.51 -45.51 3.24
CA ILE A 606 24.82 -45.29 3.86
C ILE A 606 24.70 -45.29 5.37
N ILE A 607 23.67 -44.64 5.90
CA ILE A 607 23.48 -44.65 7.35
C ILE A 607 23.28 -46.09 7.83
N THR A 608 22.50 -46.88 7.08
CA THR A 608 22.16 -48.26 7.49
C THR A 608 23.41 -49.13 7.53
N LEU A 609 24.14 -49.19 6.43
CA LEU A 609 25.36 -49.98 6.40
C LEU A 609 26.34 -49.51 7.47
N SER A 610 26.43 -48.18 7.65
CA SER A 610 27.36 -47.63 8.64
C SER A 610 26.91 -47.96 10.06
N CYS A 611 25.61 -47.91 10.31
CA CYS A 611 25.14 -48.29 11.64
C CYS A 611 25.42 -49.78 11.91
N ILE A 612 25.18 -50.65 10.92
CA ILE A 612 25.46 -52.08 11.09
C ILE A 612 26.95 -52.31 11.32
N SER A 613 27.82 -51.65 10.55
CA SER A 613 29.24 -51.85 10.72
C SER A 613 29.68 -51.46 12.13
N ASN A 614 29.13 -50.37 12.68
CA ASN A 614 29.52 -49.98 14.03
C ASN A 614 28.97 -50.94 15.06
N MET A 615 27.78 -51.48 14.83
CA MET A 615 27.18 -52.33 15.84
C MET A 615 27.84 -53.71 15.87
N ILE A 616 28.37 -54.18 14.73
CA ILE A 616 29.07 -55.45 14.71
C ILE A 616 30.42 -55.33 15.42
N HIS A 617 31.05 -54.17 15.34
CA HIS A 617 32.27 -53.99 16.07
C HIS A 617 31.93 -53.97 17.54
N ILE A 618 30.92 -53.22 17.93
CA ILE A 618 30.54 -53.15 19.34
C ILE A 618 30.21 -54.54 19.88
N LEU A 619 29.47 -55.34 19.11
CA LEU A 619 29.14 -56.68 19.57
C LEU A 619 30.39 -57.57 19.69
N ASN A 620 31.40 -57.33 18.85
CA ASN A 620 32.66 -58.03 18.94
C ASN A 620 33.66 -57.33 19.86
N GLU A 621 33.17 -56.63 20.88
CA GLU A 621 34.03 -56.07 21.92
C GLU A 621 33.22 -55.65 23.14
N GLN A 625 30.44 -59.99 27.14
CA GLN A 625 29.91 -60.70 25.99
C GLN A 625 28.46 -61.06 26.18
N SER A 626 27.96 -61.98 25.36
CA SER A 626 26.58 -62.41 25.45
C SER A 626 26.34 -63.77 24.81
N SER A 627 25.25 -64.40 25.22
CA SER A 627 24.88 -65.71 24.74
C SER A 627 24.52 -65.75 23.27
N THR A 628 23.88 -64.71 22.79
CA THR A 628 23.44 -64.70 21.41
C THR A 628 24.06 -63.66 20.50
N LYS A 629 25.25 -63.16 20.83
CA LYS A 629 25.95 -62.22 19.96
C LYS A 629 26.01 -62.73 18.53
N GLY A 630 26.26 -64.03 18.36
CA GLY A 630 26.30 -64.60 17.02
C GLY A 630 25.01 -64.37 16.26
N GLN A 631 23.87 -64.58 16.91
CA GLN A 631 22.59 -64.49 16.21
C GLN A 631 22.25 -63.04 15.88
N GLN A 632 22.72 -62.11 16.71
CA GLN A 632 22.48 -60.71 16.44
C GLN A 632 23.40 -60.20 15.34
N ILE A 633 24.63 -60.72 15.27
CA ILE A 633 25.51 -60.34 14.17
C ILE A 633 24.99 -60.92 12.86
N ASP A 634 24.55 -62.18 12.89
CA ASP A 634 23.93 -62.78 11.72
C ASP A 634 22.71 -61.97 11.26
N SER A 635 21.87 -61.53 12.20
CA SER A 635 20.71 -60.74 11.83
C SER A 635 21.11 -59.41 11.21
N LEU A 636 22.07 -58.72 11.82
CA LEU A 636 22.59 -57.48 11.25
C LEU A 636 23.20 -57.70 9.89
N LYS A 637 24.03 -58.74 9.74
CA LYS A 637 24.62 -59.04 8.44
C LYS A 637 23.53 -59.32 7.42
N ASN A 638 22.44 -59.94 7.84
N ASN A 638 22.49 -59.96 7.76
CA ASN A 638 21.30 -60.15 6.95
CA ASN A 638 21.35 -60.17 6.87
C ASN A 638 20.70 -58.83 6.46
C ASN A 638 20.75 -58.85 6.38
N VAL A 639 20.55 -57.84 7.35
CA VAL A 639 20.00 -56.57 6.87
C VAL A 639 20.96 -55.92 5.88
N ALA A 640 22.25 -55.93 6.17
CA ALA A 640 23.22 -55.36 5.24
C ALA A 640 23.12 -56.03 3.88
N ARG A 641 23.01 -57.37 3.87
CA ARG A 641 22.90 -58.12 2.62
C ARG A 641 21.66 -57.73 1.84
N GLN A 642 20.51 -57.66 2.49
N GLN A 642 20.52 -57.66 2.49
CA GLN A 642 19.32 -57.29 1.77
CA GLN A 642 19.34 -57.29 1.76
C GLN A 642 19.46 -55.87 1.21
C GLN A 642 19.45 -55.87 1.22
N CYS A 643 20.01 -54.97 2.01
CA CYS A 643 20.18 -53.60 1.55
C CYS A 643 21.17 -53.53 0.39
N MET A 644 22.26 -54.29 0.47
CA MET A 644 23.20 -54.31 -0.66
C MET A 644 22.55 -54.86 -1.92
N ILE A 645 21.69 -55.87 -1.79
CA ILE A 645 21.08 -56.42 -2.99
C ILE A 645 20.11 -55.41 -3.59
N TYR A 646 19.29 -54.80 -2.73
CA TYR A 646 18.45 -53.68 -3.13
C TYR A 646 19.29 -52.58 -3.78
N ALA A 647 20.37 -52.16 -3.10
CA ALA A 647 21.21 -51.10 -3.64
C ALA A 647 21.75 -51.46 -5.01
N GLY A 648 22.16 -52.72 -5.21
CA GLY A 648 22.70 -53.09 -6.51
C GLY A 648 21.66 -53.05 -7.61
N MET A 649 20.40 -53.21 -7.25
CA MET A 649 19.38 -53.17 -8.30
C MET A 649 18.99 -51.75 -8.68
N ILE A 650 19.12 -50.78 -7.77
CA ILE A 650 18.71 -49.40 -8.05
C ILE A 650 19.89 -48.49 -8.35
N GLN A 651 21.12 -49.02 -8.41
CA GLN A 651 22.29 -48.16 -8.26
C GLN A 651 22.49 -47.23 -9.46
N TYR A 652 21.96 -47.57 -10.62
CA TYR A 652 22.15 -46.75 -11.80
C TYR A 652 21.19 -45.58 -11.86
N ARG A 653 20.28 -45.49 -10.90
CA ARG A 653 19.48 -44.29 -10.65
C ARG A 653 19.97 -43.54 -9.41
N MET A 654 21.07 -44.00 -8.78
CA MET A 654 21.73 -43.35 -7.64
C MET A 654 22.97 -42.59 -8.10
N PRO A 655 23.51 -41.72 -7.25
CA PRO A 655 24.80 -41.09 -7.60
C PRO A 655 25.87 -42.17 -7.78
N ARG A 656 26.78 -41.92 -8.73
CA ARG A 656 27.67 -42.98 -9.19
C ARG A 656 28.59 -43.51 -8.08
N GLU A 657 28.73 -42.77 -6.99
CA GLU A 657 29.63 -43.17 -5.91
C GLU A 657 28.94 -43.98 -4.81
N THR A 658 27.62 -43.98 -4.78
CA THR A 658 26.88 -44.56 -3.67
C THR A 658 27.21 -46.04 -3.50
N TYR A 659 27.06 -46.84 -4.55
CA TYR A 659 27.29 -48.29 -4.42
C TYR A 659 28.70 -48.55 -3.90
N SER A 660 29.69 -47.90 -4.51
CA SER A 660 31.08 -48.10 -4.08
C SER A 660 31.29 -47.76 -2.62
N THR A 661 30.68 -46.67 -2.15
CA THR A 661 30.69 -46.38 -0.72
C THR A 661 30.08 -47.53 0.06
N LEU A 662 28.93 -48.01 -0.40
CA LEU A 662 28.20 -49.08 0.28
C LEU A 662 29.01 -50.37 0.34
N ILE A 663 29.54 -50.82 -0.80
CA ILE A 663 30.13 -52.15 -0.74
C ILE A 663 31.44 -52.12 0.01
N ASN A 664 32.13 -50.99 0.00
CA ASN A 664 33.33 -50.88 0.83
C ASN A 664 32.99 -51.06 2.31
N ILE A 665 31.81 -50.60 2.74
CA ILE A 665 31.41 -50.87 4.11
C ILE A 665 31.01 -52.34 4.29
N ASP A 666 30.33 -52.92 3.29
CA ASP A 666 29.75 -54.25 3.46
C ASP A 666 30.81 -55.34 3.62
N VAL A 667 31.93 -55.24 2.89
CA VAL A 667 32.94 -56.29 2.99
C VAL A 667 33.78 -56.17 4.25
N SER A 668 33.63 -55.09 5.02
CA SER A 668 34.21 -55.02 6.35
C SER A 668 33.32 -55.66 7.41
N LEU A 669 32.09 -56.02 7.07
CA LEU A 669 31.21 -56.76 7.97
C LEU A 669 31.56 -58.25 7.99
N VAL B 3 -2.76 -18.43 -16.75
CA VAL B 3 -2.98 -19.85 -16.70
C VAL B 3 -3.72 -20.30 -17.95
N GLN B 4 -3.46 -21.52 -18.41
CA GLN B 4 -4.14 -22.10 -19.56
C GLN B 4 -3.94 -23.60 -19.47
N LEU B 5 -5.00 -24.34 -19.73
CA LEU B 5 -5.01 -25.80 -19.58
C LEU B 5 -5.54 -26.38 -20.88
N VAL B 6 -4.66 -27.00 -21.66
CA VAL B 6 -5.07 -27.52 -22.96
C VAL B 6 -5.13 -29.04 -22.88
N GLU B 7 -6.32 -29.57 -22.59
CA GLU B 7 -6.53 -31.00 -22.44
C GLU B 7 -6.72 -31.65 -23.81
N THR B 8 -5.92 -32.65 -24.10
CA THR B 8 -6.03 -33.38 -25.32
C THR B 8 -6.12 -34.84 -25.02
N GLY B 9 -6.19 -35.64 -26.06
CA GLY B 9 -6.30 -37.06 -25.91
C GLY B 9 -7.75 -37.45 -25.74
N GLY B 10 -8.04 -38.71 -25.60
CA GLY B 10 -9.43 -39.09 -25.43
C GLY B 10 -10.32 -38.99 -26.67
N GLY B 11 -11.57 -39.37 -26.46
CA GLY B 11 -12.51 -39.43 -27.55
C GLY B 11 -13.38 -40.64 -27.31
N LEU B 12 -13.75 -41.34 -28.36
CA LEU B 12 -14.60 -42.50 -28.22
C LEU B 12 -13.85 -43.79 -28.26
N VAL B 13 -14.18 -44.66 -27.32
CA VAL B 13 -13.54 -45.94 -27.28
C VAL B 13 -14.48 -46.98 -26.73
N GLN B 14 -14.34 -48.21 -27.22
CA GLN B 14 -15.14 -49.36 -26.86
C GLN B 14 -14.90 -49.77 -25.45
N ALA B 15 -15.88 -50.29 -24.75
CA ALA B 15 -15.69 -50.71 -23.36
C ALA B 15 -14.53 -51.69 -23.14
N GLY B 16 -13.90 -51.62 -21.97
CA GLY B 16 -12.73 -52.42 -21.73
C GLY B 16 -11.47 -51.94 -22.42
N GLY B 17 -11.55 -50.88 -23.21
CA GLY B 17 -10.41 -50.36 -23.93
C GLY B 17 -9.58 -49.39 -23.09
N SER B 18 -8.68 -48.71 -23.78
CA SER B 18 -7.69 -47.86 -23.14
C SER B 18 -7.62 -46.50 -23.80
N LEU B 19 -7.25 -45.51 -23.00
CA LEU B 19 -7.10 -44.14 -23.45
C LEU B 19 -6.14 -43.42 -22.52
N ARG B 20 -5.41 -42.45 -23.06
CA ARG B 20 -4.47 -41.65 -22.28
C ARG B 20 -4.77 -40.17 -22.49
N LEU B 21 -5.24 -39.51 -21.45
CA LEU B 21 -5.43 -38.07 -21.48
C LEU B 21 -4.14 -37.36 -21.12
N SER B 22 -4.00 -36.14 -21.66
CA SER B 22 -2.85 -35.31 -21.37
C SER B 22 -3.32 -33.85 -21.30
N CYS B 23 -2.55 -33.03 -20.58
CA CYS B 23 -2.86 -31.62 -20.45
C CYS B 23 -1.57 -30.83 -20.52
N ALA B 24 -1.39 -30.06 -21.59
CA ALA B 24 -0.29 -29.12 -21.65
C ALA B 24 -0.69 -27.83 -20.96
N THR B 25 0.14 -27.35 -20.03
CA THR B 25 -0.19 -26.17 -19.26
C THR B 25 0.76 -25.03 -19.62
N SER B 26 0.34 -23.80 -19.28
CA SER B 26 1.10 -22.59 -19.55
C SER B 26 0.68 -21.51 -18.56
N GLY B 27 1.56 -20.54 -18.36
CA GLY B 27 1.17 -19.30 -17.71
C GLY B 27 1.10 -19.29 -16.20
N PHE B 28 1.41 -20.41 -15.53
CA PHE B 28 1.62 -20.42 -14.09
C PHE B 28 2.79 -21.35 -13.80
N ASN B 29 3.29 -21.30 -12.59
CA ASN B 29 4.39 -22.16 -12.24
C ASN B 29 3.82 -23.47 -11.86
N PHE B 30 4.04 -24.41 -12.74
CA PHE B 30 3.56 -25.76 -12.66
C PHE B 30 4.08 -26.60 -11.52
N ARG B 31 5.35 -26.46 -11.25
CA ARG B 31 6.05 -27.25 -10.27
C ARG B 31 5.51 -27.18 -8.89
N LEU B 32 5.02 -26.05 -8.46
CA LEU B 32 4.54 -25.90 -7.11
C LEU B 32 3.13 -26.32 -6.83
N ARG B 33 2.41 -26.75 -7.82
CA ARG B 33 1.00 -27.00 -7.61
C ARG B 33 0.71 -28.49 -7.62
N THR B 34 -0.01 -28.94 -6.60
CA THR B 34 -0.74 -30.18 -6.72
C THR B 34 -1.78 -30.03 -7.81
N MET B 35 -1.86 -31.03 -8.69
CA MET B 35 -2.78 -30.99 -9.81
C MET B 35 -3.74 -32.17 -9.72
N GLY B 36 -4.87 -32.04 -10.38
CA GLY B 36 -5.89 -33.08 -10.33
C GLY B 36 -6.57 -33.24 -11.67
N TRP B 37 -7.07 -34.45 -11.91
CA TRP B 37 -7.94 -34.74 -13.04
C TRP B 37 -9.36 -34.89 -12.50
N TYR B 38 -10.31 -34.21 -13.17
CA TYR B 38 -11.72 -34.24 -12.80
C TYR B 38 -12.54 -34.70 -13.98
N ARG B 39 -13.74 -35.18 -13.67
CA ARG B 39 -14.71 -35.64 -14.66
C ARG B 39 -16.05 -35.03 -14.33
N GLN B 40 -16.85 -34.81 -15.36
CA GLN B 40 -18.21 -34.29 -15.20
C GLN B 40 -19.11 -35.12 -16.09
N ALA B 41 -19.81 -36.08 -15.48
CA ALA B 41 -20.81 -36.85 -16.21
C ALA B 41 -22.00 -35.96 -16.56
N PRO B 42 -22.65 -36.22 -17.70
CA PRO B 42 -23.86 -35.48 -18.04
C PRO B 42 -24.91 -35.57 -16.94
N GLY B 43 -25.39 -34.41 -16.51
CA GLY B 43 -26.29 -34.32 -15.36
C GLY B 43 -25.60 -34.24 -14.01
N LYS B 44 -24.65 -35.13 -13.75
CA LYS B 44 -23.97 -35.17 -12.47
C LYS B 44 -22.96 -34.02 -12.36
N GLU B 45 -22.56 -33.72 -11.12
CA GLU B 45 -21.64 -32.63 -10.88
C GLU B 45 -20.20 -33.08 -11.16
N ARG B 46 -19.30 -32.09 -11.22
CA ARG B 46 -17.89 -32.34 -11.49
C ARG B 46 -17.20 -32.87 -10.25
N GLU B 47 -16.48 -33.98 -10.41
CA GLU B 47 -15.90 -34.68 -9.27
C GLU B 47 -14.43 -34.98 -9.51
N LEU B 48 -13.70 -35.10 -8.40
CA LEU B 48 -12.27 -35.37 -8.43
C LEU B 48 -12.03 -36.87 -8.62
N VAL B 49 -11.20 -37.20 -9.61
CA VAL B 49 -10.88 -38.58 -9.95
C VAL B 49 -9.49 -38.98 -9.47
N ALA B 50 -8.52 -38.08 -9.59
CA ALA B 50 -7.14 -38.42 -9.26
C ALA B 50 -6.36 -37.13 -9.04
N SER B 51 -5.35 -37.20 -8.18
CA SER B 51 -4.57 -36.01 -7.86
C SER B 51 -3.12 -36.41 -7.64
N ILE B 52 -2.22 -35.45 -7.85
CA ILE B 52 -0.80 -35.76 -7.78
C ILE B 52 -0.05 -34.55 -7.25
N THR B 53 0.82 -34.78 -6.27
CA THR B 53 1.55 -33.67 -5.68
C THR B 53 2.73 -33.28 -6.58
N SER B 54 3.41 -32.20 -6.20
CA SER B 54 4.55 -31.74 -6.98
C SER B 54 5.57 -32.83 -7.24
N GLY B 55 5.91 -33.59 -6.19
CA GLY B 55 6.86 -34.68 -6.27
C GLY B 55 6.38 -35.97 -6.89
N GLY B 56 5.14 -36.07 -7.38
CA GLY B 56 4.68 -37.30 -8.02
C GLY B 56 3.92 -38.26 -7.13
N SER B 57 3.66 -37.92 -5.87
CA SER B 57 2.74 -38.71 -5.07
C SER B 57 1.32 -38.57 -5.56
N THR B 58 0.62 -39.70 -5.60
CA THR B 58 -0.69 -39.80 -6.22
C THR B 58 -1.73 -40.27 -5.22
N ASP B 59 -2.98 -40.05 -5.60
CA ASP B 59 -4.14 -40.40 -4.79
C ASP B 59 -5.34 -40.50 -5.73
N TYR B 60 -6.20 -41.48 -5.49
CA TYR B 60 -7.24 -41.86 -6.44
C TYR B 60 -8.59 -41.98 -5.75
N ALA B 61 -9.63 -41.58 -6.47
CA ALA B 61 -10.98 -41.94 -6.06
C ALA B 61 -11.18 -43.44 -6.19
N ASP B 62 -11.94 -44.02 -5.26
CA ASP B 62 -12.28 -45.46 -5.33
C ASP B 62 -12.84 -45.83 -6.69
N SER B 63 -13.65 -44.93 -7.26
CA SER B 63 -14.26 -45.13 -8.57
C SER B 63 -13.27 -45.65 -9.61
N VAL B 64 -12.01 -45.23 -9.54
CA VAL B 64 -11.06 -45.50 -10.62
C VAL B 64 -9.78 -46.17 -10.13
N LYS B 65 -9.73 -46.56 -8.86
CA LYS B 65 -8.50 -47.14 -8.31
C LYS B 65 -8.12 -48.41 -9.06
N GLY B 66 -6.82 -48.60 -9.26
CA GLY B 66 -6.33 -49.74 -10.01
C GLY B 66 -6.47 -49.62 -11.51
N ARG B 67 -7.40 -48.80 -11.99
CA ARG B 67 -7.60 -48.64 -13.42
C ARG B 67 -7.00 -47.36 -13.99
N PHE B 68 -6.98 -46.28 -13.23
CA PHE B 68 -6.43 -45.02 -13.70
C PHE B 68 -5.07 -44.76 -13.06
N THR B 69 -4.21 -44.03 -13.79
CA THR B 69 -2.87 -43.70 -13.31
C THR B 69 -2.55 -42.26 -13.71
N ILE B 70 -2.45 -41.38 -12.72
CA ILE B 70 -2.09 -40.00 -12.99
C ILE B 70 -0.58 -39.85 -12.89
N SER B 71 -0.02 -39.04 -13.77
CA SER B 71 1.41 -38.75 -13.75
C SER B 71 1.61 -37.31 -14.19
N ARG B 72 2.82 -36.80 -13.99
CA ARG B 72 3.11 -35.44 -14.40
C ARG B 72 4.54 -35.37 -14.92
N ASP B 73 4.80 -34.36 -15.75
CA ASP B 73 6.13 -34.11 -16.32
C ASP B 73 6.46 -32.63 -16.10
N ASN B 74 7.19 -32.34 -15.02
CA ASN B 74 7.45 -30.95 -14.62
C ASN B 74 8.37 -30.24 -15.60
N ALA B 75 9.13 -30.98 -16.41
CA ALA B 75 9.93 -30.35 -17.45
C ALA B 75 9.05 -29.83 -18.58
N LYS B 76 8.12 -30.66 -19.05
CA LYS B 76 7.21 -30.30 -20.13
C LYS B 76 5.94 -29.60 -19.65
N ASN B 77 5.73 -29.49 -18.35
CA ASN B 77 4.52 -28.88 -17.79
C ASN B 77 3.26 -29.58 -18.29
N THR B 78 3.31 -30.92 -18.38
CA THR B 78 2.15 -31.71 -18.74
C THR B 78 1.69 -32.56 -17.55
N ILE B 79 0.40 -32.85 -17.54
CA ILE B 79 -0.20 -33.84 -16.65
C ILE B 79 -0.86 -34.88 -17.53
N SER B 80 -0.81 -36.14 -17.12
CA SER B 80 -1.34 -37.23 -17.91
C SER B 80 -2.18 -38.16 -17.04
N LEU B 81 -3.13 -38.82 -17.69
CA LEU B 81 -4.06 -39.72 -16.99
C LEU B 81 -4.25 -40.95 -17.88
N GLU B 82 -3.62 -42.05 -17.55
CA GLU B 82 -3.79 -43.24 -18.32
C GLU B 82 -5.01 -43.91 -17.79
N MET B 83 -5.92 -44.24 -18.69
CA MET B 83 -7.20 -44.84 -18.36
C MET B 83 -7.28 -46.19 -19.06
N ASN B 84 -7.31 -47.27 -18.27
CA ASN B 84 -7.35 -48.61 -18.81
C ASN B 84 -8.58 -49.35 -18.29
N SER B 85 -9.02 -50.35 -19.06
CA SER B 85 -10.21 -51.14 -18.74
C SER B 85 -11.41 -50.24 -18.50
N LEU B 86 -11.61 -49.31 -19.43
CA LEU B 86 -12.63 -48.27 -19.28
C LEU B 86 -14.03 -48.87 -19.30
N LYS B 87 -14.96 -48.13 -18.68
CA LYS B 87 -16.35 -48.53 -18.59
C LYS B 87 -17.25 -47.38 -19.02
N PRO B 88 -18.45 -47.68 -19.51
CA PRO B 88 -19.38 -46.60 -19.87
C PRO B 88 -19.72 -45.68 -18.71
N ASP B 89 -19.63 -46.16 -17.46
CA ASP B 89 -19.79 -45.33 -16.28
C ASP B 89 -18.70 -44.28 -16.15
N ASP B 90 -17.61 -44.40 -16.91
CA ASP B 90 -16.55 -43.40 -16.96
C ASP B 90 -16.78 -42.34 -18.03
N THR B 91 -17.83 -42.46 -18.83
CA THR B 91 -18.10 -41.50 -19.90
C THR B 91 -18.42 -40.13 -19.29
N ALA B 92 -17.66 -39.11 -19.68
CA ALA B 92 -17.77 -37.77 -19.14
C ALA B 92 -16.75 -36.89 -19.86
N VAL B 93 -16.86 -35.58 -19.65
CA VAL B 93 -15.83 -34.65 -20.07
C VAL B 93 -14.80 -34.57 -18.95
N TYR B 94 -13.52 -34.67 -19.32
CA TYR B 94 -12.44 -34.71 -18.34
C TYR B 94 -11.65 -33.40 -18.37
N TYR B 95 -11.45 -32.82 -17.19
CA TYR B 95 -10.75 -31.56 -17.04
C TYR B 95 -9.54 -31.75 -16.12
N CYS B 96 -8.46 -31.04 -16.43
CA CYS B 96 -7.28 -31.00 -15.59
C CYS B 96 -7.17 -29.61 -14.97
N ASN B 97 -6.99 -29.55 -13.66
CA ASN B 97 -6.88 -28.27 -12.97
C ASN B 97 -6.19 -28.39 -11.61
N ILE B 98 -5.86 -27.31 -10.96
CA ILE B 98 -5.25 -27.37 -9.67
C ILE B 98 -6.08 -28.13 -8.66
N TRP B 99 -5.45 -28.95 -7.87
CA TRP B 99 -6.18 -29.67 -6.88
C TRP B 99 -6.63 -28.73 -5.82
N ALA B 100 -7.86 -28.83 -5.41
CA ALA B 100 -8.30 -28.11 -4.27
C ALA B 100 -9.26 -29.00 -3.53
N PRO B 101 -9.36 -28.84 -2.24
CA PRO B 101 -10.19 -29.64 -1.38
C PRO B 101 -11.65 -29.68 -1.72
N THR B 102 -12.23 -28.58 -2.16
CA THR B 102 -13.63 -28.61 -2.58
C THR B 102 -13.66 -28.20 -4.03
N THR B 103 -14.06 -29.13 -4.90
CA THR B 103 -14.11 -28.91 -6.34
C THR B 103 -14.83 -27.66 -6.86
N ALA B 104 -15.89 -27.23 -6.19
CA ALA B 104 -16.66 -26.07 -6.65
C ALA B 104 -15.84 -24.79 -6.71
N ALA B 105 -14.95 -24.61 -5.78
CA ALA B 105 -14.13 -23.42 -5.65
C ALA B 105 -13.09 -23.14 -6.70
N ILE B 106 -12.83 -24.04 -7.62
CA ILE B 106 -11.80 -23.75 -8.60
C ILE B 106 -11.99 -22.45 -9.39
N THR B 107 -13.05 -22.35 -10.16
CA THR B 107 -13.39 -21.17 -10.95
C THR B 107 -12.31 -20.66 -11.91
N ASN B 108 -11.56 -21.58 -12.51
CA ASN B 108 -10.50 -21.25 -13.47
C ASN B 108 -10.12 -22.49 -14.26
N TRP B 109 -10.97 -22.91 -15.19
CA TRP B 109 -10.72 -24.12 -15.97
C TRP B 109 -10.46 -23.96 -17.47
N GLY B 110 -10.15 -25.12 -18.05
CA GLY B 110 -9.90 -25.34 -19.46
C GLY B 110 -11.12 -25.95 -20.14
N GLN B 111 -10.97 -26.23 -21.43
CA GLN B 111 -12.11 -26.70 -22.21
C GLN B 111 -12.43 -28.18 -21.96
N GLY B 112 -11.43 -29.00 -21.65
CA GLY B 112 -11.67 -30.41 -21.43
C GLY B 112 -11.62 -31.23 -22.70
N THR B 113 -11.53 -32.55 -22.50
CA THR B 113 -11.68 -33.54 -23.57
C THR B 113 -12.84 -34.44 -23.21
N GLN B 114 -13.74 -34.64 -24.17
CA GLN B 114 -14.82 -35.61 -24.01
C GLN B 114 -14.27 -37.02 -24.13
N VAL B 115 -14.67 -37.88 -23.19
CA VAL B 115 -14.35 -39.30 -23.23
C VAL B 115 -15.68 -40.06 -23.19
N THR B 116 -15.91 -40.91 -24.18
CA THR B 116 -17.14 -41.68 -24.29
C THR B 116 -16.80 -43.14 -24.52
N VAL B 117 -17.36 -44.01 -23.72
CA VAL B 117 -17.10 -45.41 -23.85
C VAL B 117 -18.39 -46.10 -24.24
N SER B 118 -18.37 -46.75 -25.40
CA SER B 118 -19.52 -47.45 -25.94
C SER B 118 -19.67 -48.83 -25.37
N SER B 119 -20.74 -49.52 -25.79
CA SER B 119 -21.07 -50.90 -25.40
C SER B 119 -21.24 -51.16 -23.91
#